data_5UFU
#
_entry.id   5UFU
#
_cell.length_a   124.264
_cell.length_b   124.264
_cell.length_c   401.569
_cell.angle_alpha   90.000
_cell.angle_beta   90.000
_cell.angle_gamma   120.000
#
_symmetry.space_group_name_H-M   'P 61 2 2'
#
loop_
_entity.id
_entity.type
_entity.pdbx_description
1 polymer "5'-AMP-activated protein kinase catalytic subunit alpha-1"
2 polymer "5'-AMP-activated protein kinase subunit beta-1"
3 polymer "5'-AMP-activated protein kinase subunit gamma-1"
4 non-polymer STAUROSPORINE
5 non-polymer 1,4:3,6-dianhydro-2-O-(6-chloro-5-{4-[1-(hydroxymethyl)cyclopropyl]phenyl}-1H-benzimidazol-2-yl)-D-mannitol
6 non-polymer 'CHLORIDE ION'
7 non-polymer 'SULFATE ION'
8 non-polymer 'ADENOSINE MONOPHOSPHATE'
9 non-polymer "ADENOSINE-5'-DIPHOSPHATE"
#
loop_
_entity_poly.entity_id
_entity_poly.type
_entity_poly.pdbx_seq_one_letter_code
_entity_poly.pdbx_strand_id
1 'polypeptide(L)'
;GATAEKQKHDGRVKIGHYILGDTLGVGTFGKVKVGKHELTGHKVAVKILNRQKIRSLDVVGKIRREIQNLKLFRHPHIIK
LYQVISTPSDIFMVMEYVSGGELFDYICKNGRLDEKESRRLFQQILSGVDYCHRHMVVHRDLKPENVLLDAHMNAKIADF
GLSNMMSDGEFLR(TPO)SCGSPNYAAPEVISGRLYAGPEVDIWSSGVILYALLCGTLPFDDDHVPTLFKKICDGIFYTP
QYLNPSVISLLKHMLQVDPMKRATIKDIREHEWFKQDLPKYLFPEDPSYSSTMIDDEALKEVCEKFECSEEEVLSCLYNR
NHQDPLAVAYHLIIDNRRIMNEAKDFYLATSPPDSFLDDHHLTRPHPERVPFLVAETPRARHTLDELNPQKSKHQGVRKA
KWHLGIRSQSRPNDIMAEVCRAIKQLDYEWKVVNPYYLRVRRKNPVTSTFSKMSLQLYQVDSRTYLLDFRSIDDEASGGP
GGSAPRPGSHTIEFFEMCANLIKILAQ
;
A
2 'polypeptide(L)'
;MEVNEKAPAQARPTVFRWTGGGKEVYLSGSFNNWSKLPLTRDQNNFVAILDLPEGEHQYKFFVDGQWTHDPSEPIVTSQL
GTVNNIIQVKKTDFEVFDALMVDSQKCSDVSELSSSPPGPYHQEPYISKPEERFKAPPILPPHLLQVILNKDTGISCDPA
LLPEPNHVMLNHLYALSIKDGVMVLSATHRYKKKYVTTLLYKPI
;
B
3 'polypeptide(L)'
;MESVAAESAPAPENEHSQETPESNSSVYTTFMKSHRCYDLIPTSSKLVVFDTSLQVKKAFFALVTNGVRAAPLWDSKKQS
FVGMLTITDFINILHRYYKSALVQIYELEEHKIETWREVYLQDSFKPLVCISPNASLFDAVSSLIRNKIHRLPVIDPESG
NTLYILTHKRILKFLKLFITEFPKPEFMSKSLEELQIGTYANIAMVRTTTPVYVALGIFVQHRVSALPVVDEKGRVVDIY
SKFDVINLAAEKTYNNLDVSVTKALQHRSHYFEGVLKCYLHETLEAIINRLVEAEVHRLVVVDEHDVVKGIVSLSDILQA
LVLTGGEKKP
;
C
#
loop_
_chem_comp.id
_chem_comp.type
_chem_comp.name
_chem_comp.formula
85V non-polymer 1,4:3,6-dianhydro-2-O-(6-chloro-5-{4-[1-(hydroxymethyl)cyclopropyl]phenyl}-1H-benzimidazol-2-yl)-D-mannitol 'C23 H23 Cl N2 O5'
ADP non-polymer ADENOSINE-5'-DIPHOSPHATE 'C10 H15 N5 O10 P2'
AMP non-polymer 'ADENOSINE MONOPHOSPHATE' 'C10 H14 N5 O7 P'
CL non-polymer 'CHLORIDE ION' 'Cl -1'
SO4 non-polymer 'SULFATE ION' 'O4 S -2'
STU non-polymer STAUROSPORINE 'C28 H26 N4 O3'
#
# COMPACT_ATOMS: atom_id res chain seq x y z
N GLY A 11 -7.61 24.20 46.56
CA GLY A 11 -8.84 24.28 45.78
C GLY A 11 -8.58 24.27 44.28
N ARG A 12 -7.71 23.31 43.86
CA ARG A 12 -7.20 23.15 42.50
C ARG A 12 -7.82 21.95 41.75
N VAL A 13 -8.27 22.18 40.50
CA VAL A 13 -8.86 21.12 39.68
C VAL A 13 -7.73 20.41 38.94
N LYS A 14 -7.44 19.16 39.34
CA LYS A 14 -6.33 18.43 38.72
C LYS A 14 -6.77 17.24 37.88
N ILE A 15 -5.96 16.92 36.86
CA ILE A 15 -6.08 15.75 35.99
C ILE A 15 -4.66 15.31 35.70
N GLY A 16 -4.39 14.04 35.96
CA GLY A 16 -3.04 13.52 35.96
C GLY A 16 -2.49 14.15 37.22
N HIS A 17 -1.44 14.94 37.09
CA HIS A 17 -0.99 15.70 38.27
C HIS A 17 -0.95 17.18 37.96
N TYR A 18 -1.58 17.56 36.84
CA TYR A 18 -1.63 18.92 36.33
C TYR A 18 -2.82 19.68 36.80
N ILE A 19 -2.60 20.92 37.25
CA ILE A 19 -3.71 21.77 37.63
C ILE A 19 -4.27 22.41 36.32
N LEU A 20 -5.54 22.09 36.03
CA LEU A 20 -6.25 22.60 34.86
C LEU A 20 -6.41 24.11 35.01
N GLY A 21 -6.11 24.83 33.94
CA GLY A 21 -6.19 26.29 33.92
C GLY A 21 -7.05 26.78 32.79
N ASP A 22 -6.74 27.98 32.30
CA ASP A 22 -7.43 28.72 31.24
C ASP A 22 -7.65 27.91 29.95
N THR A 23 -8.83 28.06 29.32
CA THR A 23 -9.16 27.39 28.08
C THR A 23 -8.38 28.10 26.98
N LEU A 24 -7.48 27.36 26.34
CA LEU A 24 -6.61 27.82 25.25
C LEU A 24 -7.42 28.03 23.98
N GLY A 25 -8.41 27.18 23.79
CA GLY A 25 -9.30 27.25 22.65
C GLY A 25 -10.24 26.06 22.63
N VAL A 26 -11.09 26.02 21.60
CA VAL A 26 -12.03 24.94 21.35
C VAL A 26 -11.83 24.40 19.92
N GLY A 27 -11.25 23.21 19.88
CA GLY A 27 -10.94 22.54 18.63
C GLY A 27 -12.15 22.06 17.87
N THR A 28 -11.92 21.12 16.97
CA THR A 28 -12.97 20.51 16.15
C THR A 28 -13.99 19.85 17.10
N PHE A 29 -13.52 19.05 18.09
CA PHE A 29 -14.45 18.34 18.97
C PHE A 29 -14.46 18.71 20.48
N GLY A 30 -13.32 19.11 21.06
CA GLY A 30 -13.32 19.42 22.49
C GLY A 30 -12.83 20.78 22.95
N LYS A 31 -12.87 20.99 24.26
CA LYS A 31 -12.33 22.16 24.95
C LYS A 31 -10.82 21.84 25.13
N VAL A 32 -9.94 22.84 25.01
CA VAL A 32 -8.50 22.61 25.26
C VAL A 32 -8.08 23.58 26.34
N LYS A 33 -7.56 23.09 27.48
CA LYS A 33 -7.15 23.95 28.60
C LYS A 33 -5.69 23.74 28.94
N VAL A 34 -5.03 24.74 29.59
CA VAL A 34 -3.63 24.58 30.01
C VAL A 34 -3.59 23.66 31.20
N GLY A 35 -2.44 23.07 31.46
CA GLY A 35 -2.24 22.19 32.61
C GLY A 35 -0.89 22.46 33.22
N LYS A 36 -0.84 22.78 34.53
CA LYS A 36 0.46 23.05 35.17
C LYS A 36 0.73 22.03 36.26
N HIS A 37 1.83 21.26 36.13
CA HIS A 37 2.16 20.19 37.06
C HIS A 37 2.35 20.70 38.48
N GLU A 38 1.58 20.09 39.38
CA GLU A 38 1.50 20.31 40.82
C GLU A 38 2.86 20.66 41.46
N LEU A 39 3.92 19.89 41.12
CA LEU A 39 5.25 20.04 41.68
C LEU A 39 6.28 20.67 40.78
N THR A 40 6.30 20.31 39.48
CA THR A 40 7.35 20.77 38.56
C THR A 40 7.08 22.07 37.83
N GLY A 41 5.81 22.39 37.64
CA GLY A 41 5.42 23.60 36.94
C GLY A 41 5.34 23.40 35.44
N HIS A 42 5.62 22.15 34.99
CA HIS A 42 5.54 21.76 33.58
C HIS A 42 4.17 22.09 33.02
N LYS A 43 4.09 22.58 31.77
CA LYS A 43 2.79 22.91 31.19
C LYS A 43 2.38 21.99 30.03
N VAL A 44 1.08 21.61 30.01
CA VAL A 44 0.47 20.77 28.96
C VAL A 44 -0.80 21.42 28.39
N ALA A 45 -1.23 20.92 27.24
CA ALA A 45 -2.49 21.29 26.61
C ALA A 45 -3.39 20.06 26.76
N VAL A 46 -4.52 20.21 27.49
CA VAL A 46 -5.44 19.13 27.82
C VAL A 46 -6.68 19.22 26.94
N LYS A 47 -6.87 18.26 26.01
CA LYS A 47 -8.05 18.26 25.15
C LYS A 47 -9.17 17.45 25.82
N ILE A 48 -10.19 18.14 26.39
CA ILE A 48 -11.33 17.52 27.08
C ILE A 48 -12.39 17.12 26.03
N LEU A 49 -12.87 15.86 26.05
CA LEU A 49 -13.91 15.36 25.13
C LEU A 49 -15.03 14.71 25.92
N ASN A 50 -16.19 15.37 26.04
CA ASN A 50 -17.31 14.77 26.76
C ASN A 50 -17.72 13.51 26.03
N ARG A 51 -17.74 12.39 26.76
CA ARG A 51 -18.16 11.10 26.21
C ARG A 51 -19.61 11.24 25.67
N GLN A 52 -20.57 11.73 26.53
CA GLN A 52 -21.98 11.97 26.16
C GLN A 52 -22.09 12.81 24.87
N LYS A 53 -21.26 13.87 24.72
CA LYS A 53 -21.23 14.73 23.53
C LYS A 53 -20.63 14.00 22.33
N ILE A 54 -19.46 13.31 22.47
CA ILE A 54 -18.85 12.59 21.35
C ILE A 54 -19.77 11.47 20.87
N ARG A 55 -20.52 10.83 21.78
CA ARG A 55 -21.45 9.81 21.32
C ARG A 55 -22.71 10.44 20.76
N SER A 56 -22.94 11.75 20.99
CA SER A 56 -24.10 12.45 20.43
C SER A 56 -23.92 12.66 18.91
N LEU A 57 -22.67 12.91 18.48
CA LEU A 57 -22.30 13.00 17.06
C LEU A 57 -21.80 11.59 16.78
N ASP A 58 -21.41 11.24 15.56
CA ASP A 58 -20.94 9.86 15.48
C ASP A 58 -19.44 9.82 15.29
N VAL A 59 -18.77 10.49 16.22
CA VAL A 59 -17.35 10.68 16.18
C VAL A 59 -16.60 9.74 17.13
N VAL A 60 -17.34 8.84 17.80
CA VAL A 60 -16.78 7.86 18.75
C VAL A 60 -15.65 6.98 18.11
N GLY A 61 -15.84 6.59 16.85
CA GLY A 61 -14.87 5.82 16.09
C GLY A 61 -13.74 6.71 15.64
N LYS A 62 -14.08 7.94 15.20
CA LYS A 62 -13.12 8.93 14.75
C LYS A 62 -12.10 9.28 15.85
N ILE A 63 -12.60 9.37 17.12
CA ILE A 63 -11.79 9.69 18.29
C ILE A 63 -10.87 8.52 18.64
N ARG A 64 -11.38 7.29 18.50
CA ARG A 64 -10.63 6.06 18.78
C ARG A 64 -9.38 6.04 17.90
N ARG A 65 -9.54 6.28 16.56
CA ARG A 65 -8.47 6.29 15.55
C ARG A 65 -7.48 7.43 15.77
N GLU A 66 -8.01 8.62 16.08
CA GLU A 66 -7.27 9.85 16.35
C GLU A 66 -6.26 9.61 17.48
N ILE A 67 -6.73 8.96 18.58
CA ILE A 67 -5.92 8.62 19.75
C ILE A 67 -4.90 7.62 19.29
N GLN A 68 -5.37 6.53 18.63
CA GLN A 68 -4.54 5.45 18.07
C GLN A 68 -3.33 6.01 17.33
N ASN A 69 -3.55 6.92 16.36
CA ASN A 69 -2.51 7.55 15.54
C ASN A 69 -1.56 8.41 16.34
N LEU A 70 -2.12 9.39 17.05
CA LEU A 70 -1.37 10.36 17.84
C LEU A 70 -0.49 9.73 18.92
N LYS A 71 -0.91 8.54 19.42
CA LYS A 71 -0.14 7.81 20.40
C LYS A 71 1.09 7.14 19.77
N LEU A 72 1.02 6.74 18.46
CA LEU A 72 2.13 6.09 17.76
C LEU A 72 3.04 7.10 16.96
N PHE A 73 2.72 8.41 16.98
CA PHE A 73 3.50 9.48 16.31
C PHE A 73 4.53 10.10 17.25
N ARG A 74 5.64 10.61 16.69
CA ARG A 74 6.72 11.30 17.42
C ARG A 74 7.57 12.09 16.43
N HIS A 75 7.04 13.23 15.98
CA HIS A 75 7.71 14.13 15.03
C HIS A 75 7.89 15.51 15.68
N PRO A 76 9.05 16.19 15.46
CA PRO A 76 9.31 17.48 16.11
C PRO A 76 8.40 18.65 15.76
N HIS A 77 7.58 18.51 14.70
CA HIS A 77 6.67 19.55 14.23
C HIS A 77 5.24 19.06 14.22
N ILE A 78 4.94 18.06 15.06
CA ILE A 78 3.59 17.55 15.28
C ILE A 78 3.43 17.50 16.80
N ILE A 79 2.39 18.18 17.33
CA ILE A 79 2.07 18.22 18.77
C ILE A 79 1.98 16.78 19.31
N LYS A 80 2.81 16.46 20.33
CA LYS A 80 2.90 15.15 20.97
C LYS A 80 1.69 14.85 21.88
N LEU A 81 1.14 13.63 21.81
CA LEU A 81 0.08 13.21 22.70
C LEU A 81 0.76 12.38 23.78
N TYR A 82 0.89 12.94 24.98
CA TYR A 82 1.55 12.30 26.11
C TYR A 82 0.74 11.12 26.67
N GLN A 83 -0.48 11.38 27.15
CA GLN A 83 -1.33 10.35 27.74
C GLN A 83 -2.83 10.71 27.61
N VAL A 84 -3.69 9.66 27.56
CA VAL A 84 -5.13 9.84 27.54
C VAL A 84 -5.69 9.31 28.85
N ILE A 85 -6.40 10.15 29.60
CA ILE A 85 -6.98 9.77 30.87
C ILE A 85 -8.49 9.67 30.70
N SER A 86 -9.05 8.46 30.86
CA SER A 86 -10.49 8.29 30.76
C SER A 86 -11.15 8.50 32.14
N THR A 87 -12.36 9.05 32.15
CA THR A 87 -13.18 9.28 33.35
C THR A 87 -14.57 8.78 32.94
N PRO A 88 -15.54 8.59 33.86
CA PRO A 88 -16.86 8.10 33.41
C PRO A 88 -17.52 9.16 32.53
N SER A 89 -17.31 10.44 32.93
CA SER A 89 -17.81 11.68 32.37
C SER A 89 -17.26 11.99 30.99
N ASP A 90 -15.94 12.29 30.92
CA ASP A 90 -15.17 12.77 29.76
C ASP A 90 -13.86 12.00 29.53
N ILE A 91 -13.12 12.37 28.47
CA ILE A 91 -11.85 11.81 28.03
C ILE A 91 -10.89 12.98 28.00
N PHE A 92 -9.73 12.83 28.63
CA PHE A 92 -8.76 13.90 28.71
C PHE A 92 -7.53 13.56 27.92
N MET A 93 -7.15 14.39 26.93
CA MET A 93 -5.97 14.10 26.13
C MET A 93 -4.82 15.03 26.48
N VAL A 94 -3.89 14.55 27.34
CA VAL A 94 -2.72 15.31 27.78
C VAL A 94 -1.72 15.42 26.63
N MET A 95 -1.47 16.65 26.15
CA MET A 95 -0.58 16.91 25.01
C MET A 95 0.48 17.94 25.29
N GLU A 96 1.50 18.04 24.42
CA GLU A 96 2.56 19.01 24.60
C GLU A 96 2.08 20.44 24.37
N TYR A 97 2.45 21.37 25.27
CA TYR A 97 2.03 22.75 25.18
C TYR A 97 3.13 23.62 24.61
N VAL A 98 2.77 24.47 23.62
CA VAL A 98 3.70 25.43 23.00
C VAL A 98 3.25 26.82 23.40
N SER A 99 4.18 27.63 23.89
CA SER A 99 3.85 28.98 24.37
C SER A 99 3.46 29.93 23.24
N GLY A 100 4.21 29.90 22.13
CA GLY A 100 4.05 30.78 20.96
C GLY A 100 2.64 30.98 20.41
N GLY A 101 1.76 30.03 20.63
CA GLY A 101 0.40 30.13 20.14
C GLY A 101 0.27 29.98 18.63
N GLU A 102 -0.83 30.49 18.08
CA GLU A 102 -1.15 30.42 16.66
C GLU A 102 -0.12 31.11 15.79
N LEU A 103 0.24 30.44 14.68
CA LEU A 103 1.13 31.01 13.66
C LEU A 103 0.33 32.11 12.94
N PHE A 104 -1.00 31.92 12.88
CA PHE A 104 -1.95 32.85 12.31
C PHE A 104 -1.81 34.17 13.04
N ASP A 105 -1.97 34.15 14.39
CA ASP A 105 -1.83 35.38 15.18
C ASP A 105 -0.44 35.99 15.01
N TYR A 106 0.61 35.16 14.88
CA TYR A 106 1.95 35.72 14.65
C TYR A 106 1.95 36.67 13.42
N ILE A 107 1.51 36.14 12.27
CA ILE A 107 1.42 36.83 11.00
C ILE A 107 0.47 38.05 11.14
N CYS A 108 -0.43 38.08 12.13
CA CYS A 108 -1.26 39.28 12.28
C CYS A 108 -0.45 40.37 12.95
N LYS A 109 0.08 40.10 14.18
CA LYS A 109 0.81 41.05 15.03
C LYS A 109 2.03 41.64 14.32
N ASN A 110 2.88 40.74 13.78
CA ASN A 110 4.09 41.01 12.99
C ASN A 110 3.59 40.86 11.58
N GLY A 111 4.36 41.26 10.58
CA GLY A 111 3.86 41.15 9.21
C GLY A 111 4.01 39.78 8.60
N ARG A 112 4.52 39.75 7.37
CA ARG A 112 4.83 38.52 6.69
C ARG A 112 6.24 38.20 7.11
N LEU A 113 6.67 36.95 6.88
CA LEU A 113 8.03 36.50 7.23
C LEU A 113 8.98 36.76 6.07
N ASP A 114 10.27 36.97 6.40
CA ASP A 114 11.32 37.16 5.41
C ASP A 114 11.55 35.83 4.63
N GLU A 115 12.00 35.89 3.35
CA GLU A 115 12.19 34.68 2.53
C GLU A 115 12.83 33.56 3.33
N LYS A 116 14.00 33.85 3.99
CA LYS A 116 14.77 32.90 4.81
C LYS A 116 13.91 32.34 5.94
N GLU A 117 13.29 33.22 6.78
CA GLU A 117 12.46 32.79 7.91
C GLU A 117 11.22 31.98 7.45
N SER A 118 10.57 32.42 6.35
CA SER A 118 9.40 31.77 5.76
C SER A 118 9.72 30.36 5.35
N ARG A 119 10.85 30.20 4.64
CA ARG A 119 11.34 28.93 4.13
C ARG A 119 11.53 27.94 5.26
N ARG A 120 12.19 28.40 6.37
CA ARG A 120 12.50 27.62 7.57
C ARG A 120 11.24 26.97 8.05
N LEU A 121 10.21 27.80 8.29
CA LEU A 121 8.92 27.38 8.79
C LEU A 121 8.18 26.52 7.80
N PHE A 122 8.31 26.83 6.49
CA PHE A 122 7.66 26.02 5.49
C PHE A 122 8.22 24.62 5.44
N GLN A 123 9.55 24.50 5.65
CA GLN A 123 10.27 23.21 5.69
C GLN A 123 9.74 22.36 6.85
N GLN A 124 9.74 22.95 8.05
CA GLN A 124 9.24 22.37 9.29
C GLN A 124 7.81 21.84 9.11
N ILE A 125 6.87 22.71 8.64
CA ILE A 125 5.48 22.31 8.43
C ILE A 125 5.40 21.10 7.51
N LEU A 126 5.90 21.24 6.27
CA LEU A 126 5.89 20.19 5.26
C LEU A 126 6.47 18.86 5.76
N SER A 127 7.55 18.93 6.55
CA SER A 127 8.17 17.77 7.16
C SER A 127 7.14 16.99 7.94
N GLY A 128 6.39 17.70 8.78
CA GLY A 128 5.33 17.11 9.60
C GLY A 128 4.21 16.55 8.74
N VAL A 129 3.82 17.31 7.69
CA VAL A 129 2.75 16.95 6.74
C VAL A 129 3.15 15.65 6.05
N ASP A 130 4.43 15.54 5.77
CA ASP A 130 4.99 14.36 5.18
C ASP A 130 4.94 13.21 6.18
N TYR A 131 5.38 13.42 7.45
CA TYR A 131 5.37 12.39 8.51
C TYR A 131 3.98 11.76 8.61
N CYS A 132 2.92 12.59 8.62
CA CYS A 132 1.52 12.13 8.66
C CYS A 132 1.23 11.18 7.49
N HIS A 133 1.49 11.65 6.27
CA HIS A 133 1.24 10.89 5.05
C HIS A 133 2.03 9.58 5.02
N ARG A 134 3.29 9.63 5.52
CA ARG A 134 4.22 8.50 5.64
C ARG A 134 3.65 7.51 6.69
N HIS A 135 2.60 7.91 7.44
CA HIS A 135 1.93 7.07 8.42
C HIS A 135 0.43 6.96 8.08
N MET A 136 0.11 7.06 6.78
CA MET A 136 -1.24 6.94 6.21
C MET A 136 -2.29 7.86 6.85
N VAL A 137 -1.85 8.97 7.46
CA VAL A 137 -2.78 9.93 8.08
C VAL A 137 -2.77 11.22 7.25
N VAL A 138 -3.96 11.70 6.89
CA VAL A 138 -4.11 12.93 6.13
C VAL A 138 -4.89 13.94 6.98
N HIS A 139 -4.16 14.81 7.67
CA HIS A 139 -4.70 15.87 8.49
C HIS A 139 -5.31 16.85 7.53
N ARG A 140 -6.62 16.82 7.33
CA ARG A 140 -7.23 17.83 6.49
C ARG A 140 -7.47 19.00 7.45
N ASP A 141 -7.77 20.22 6.95
CA ASP A 141 -7.94 21.42 7.83
C ASP A 141 -6.55 21.87 8.37
N LEU A 142 -5.63 22.10 7.44
CA LEU A 142 -4.26 22.50 7.69
C LEU A 142 -4.19 24.00 7.42
N LYS A 143 -4.15 24.83 8.47
CA LYS A 143 -4.11 26.30 8.32
C LYS A 143 -3.16 26.99 9.30
N PRO A 144 -2.70 28.27 9.12
CA PRO A 144 -1.83 28.89 10.15
C PRO A 144 -2.54 29.00 11.50
N GLU A 145 -3.87 28.84 11.51
CA GLU A 145 -4.67 28.81 12.73
C GLU A 145 -4.44 27.48 13.47
N ASN A 146 -4.05 26.42 12.76
CA ASN A 146 -3.77 25.11 13.32
C ASN A 146 -2.28 24.85 13.40
N VAL A 147 -1.44 25.77 12.89
CA VAL A 147 0.01 25.62 13.04
C VAL A 147 0.41 26.43 14.28
N LEU A 148 0.85 25.74 15.34
CA LEU A 148 1.27 26.46 16.55
C LEU A 148 2.78 26.71 16.56
N LEU A 149 3.22 27.65 17.40
CA LEU A 149 4.64 28.03 17.48
C LEU A 149 5.14 27.89 18.90
N ASP A 150 6.38 27.46 19.06
CA ASP A 150 6.90 27.34 20.41
C ASP A 150 7.76 28.53 20.75
N ALA A 151 8.41 28.50 21.93
CA ALA A 151 9.29 29.53 22.41
C ALA A 151 10.39 29.85 21.38
N HIS A 152 10.96 28.81 20.75
CA HIS A 152 12.02 28.97 19.77
C HIS A 152 11.53 28.98 18.33
N MET A 153 10.29 29.43 18.12
CA MET A 153 9.71 29.66 16.81
C MET A 153 9.57 28.43 15.89
N ASN A 154 9.44 27.23 16.48
CA ASN A 154 9.24 26.01 15.70
C ASN A 154 7.78 25.74 15.45
N ALA A 155 7.47 25.40 14.20
CA ALA A 155 6.12 25.05 13.75
C ALA A 155 5.66 23.75 14.46
N LYS A 156 4.38 23.67 14.83
CA LYS A 156 3.82 22.49 15.49
C LYS A 156 2.41 22.23 14.96
N ILE A 157 2.24 21.19 14.10
CA ILE A 157 0.93 20.85 13.53
C ILE A 157 0.02 20.38 14.65
N ALA A 158 -1.19 20.98 14.76
CA ALA A 158 -2.17 20.64 15.79
C ALA A 158 -3.60 20.39 15.27
N ASP A 159 -4.45 19.73 16.10
CA ASP A 159 -5.86 19.40 15.84
C ASP A 159 -6.04 18.42 14.70
N PHE A 160 -6.12 17.14 15.06
CA PHE A 160 -6.34 16.10 14.07
C PHE A 160 -7.83 15.67 14.04
N GLY A 161 -8.71 16.58 14.45
CA GLY A 161 -10.16 16.36 14.51
C GLY A 161 -10.75 15.97 13.17
N LEU A 162 -10.36 16.74 12.14
CA LEU A 162 -10.80 16.52 10.77
C LEU A 162 -9.90 15.56 9.97
N SER A 163 -8.73 15.14 10.54
CA SER A 163 -7.83 14.19 9.86
C SER A 163 -8.53 12.87 9.54
N ASN A 164 -7.93 12.08 8.63
CA ASN A 164 -8.43 10.76 8.26
C ASN A 164 -7.33 9.84 7.82
N MET A 165 -7.64 8.53 7.78
CA MET A 165 -6.74 7.46 7.40
C MET A 165 -6.82 7.28 5.92
N MET A 166 -5.74 6.78 5.33
CA MET A 166 -5.67 6.46 3.92
C MET A 166 -5.66 4.93 3.84
N SER A 167 -6.67 4.33 3.17
CA SER A 167 -6.78 2.87 3.03
C SER A 167 -6.51 2.42 1.58
N ASP A 168 -5.73 1.34 1.39
CA ASP A 168 -5.41 0.83 0.05
C ASP A 168 -6.71 0.60 -0.77
N GLY A 169 -6.78 1.26 -1.92
CA GLY A 169 -7.91 1.18 -2.83
C GLY A 169 -9.02 2.20 -2.60
N GLU A 170 -9.04 2.88 -1.45
CA GLU A 170 -10.14 3.81 -1.18
C GLU A 170 -9.77 5.30 -1.20
N PHE A 171 -10.76 6.13 -1.61
CA PHE A 171 -10.72 7.60 -1.70
C PHE A 171 -11.53 8.18 -0.55
N LEU A 172 -11.26 9.43 -0.13
CA LEU A 172 -12.04 10.08 0.93
C LEU A 172 -13.11 10.93 0.25
N ARG A 173 -14.21 11.23 0.99
CA ARG A 173 -15.29 12.07 0.44
C ARG A 173 -15.42 13.39 1.18
N TPO A 174 -15.37 13.36 2.55
CA TPO A 174 -15.55 14.48 3.49
CB TPO A 174 -15.01 14.21 4.91
CG2 TPO A 174 -15.35 15.28 5.92
OG1 TPO A 174 -15.77 13.18 5.46
P TPO A 174 -15.00 11.90 5.78
O1P TPO A 174 -15.78 11.23 6.94
O2P TPO A 174 -13.65 12.09 6.32
O3P TPO A 174 -14.69 11.05 4.50
C TPO A 174 -15.02 15.79 2.95
O TPO A 174 -13.86 15.87 2.55
N SER A 175 -15.87 16.82 2.93
CA SER A 175 -15.49 18.11 2.43
C SER A 175 -15.15 19.01 3.59
N CYS A 176 -14.19 18.55 4.41
CA CYS A 176 -13.79 19.23 5.64
C CYS A 176 -12.67 20.27 5.48
N GLY A 177 -12.65 21.21 6.42
CA GLY A 177 -11.71 22.33 6.53
C GLY A 177 -12.28 23.62 6.00
N SER A 178 -11.70 24.77 6.46
CA SER A 178 -12.04 26.15 6.08
C SER A 178 -12.01 26.36 4.55
N PRO A 179 -12.92 27.19 3.97
CA PRO A 179 -12.93 27.38 2.51
C PRO A 179 -11.66 27.98 1.90
N ASN A 180 -10.97 28.87 2.62
CA ASN A 180 -9.75 29.54 2.16
C ASN A 180 -8.58 28.60 1.97
N TYR A 181 -8.42 27.65 2.88
CA TYR A 181 -7.32 26.68 2.84
C TYR A 181 -7.71 25.39 2.11
N ALA A 182 -9.02 25.23 1.78
CA ALA A 182 -9.55 24.06 1.10
C ALA A 182 -9.16 24.03 -0.35
N ALA A 183 -8.96 22.80 -0.85
CA ALA A 183 -8.60 22.47 -2.23
C ALA A 183 -9.82 22.65 -3.16
N PRO A 184 -9.65 22.87 -4.49
CA PRO A 184 -10.83 23.05 -5.35
C PRO A 184 -11.70 21.81 -5.37
N GLU A 185 -11.10 20.59 -5.46
CA GLU A 185 -11.85 19.33 -5.43
C GLU A 185 -12.61 19.13 -4.13
N VAL A 186 -12.10 19.67 -2.98
CA VAL A 186 -12.73 19.62 -1.66
C VAL A 186 -13.94 20.53 -1.61
N ILE A 187 -13.79 21.78 -2.10
CA ILE A 187 -14.89 22.74 -2.17
C ILE A 187 -15.92 22.22 -3.21
N SER A 188 -15.46 21.61 -4.31
CA SER A 188 -16.28 20.97 -5.35
C SER A 188 -16.97 19.66 -4.83
N GLY A 189 -16.57 19.22 -3.63
CA GLY A 189 -17.06 18.02 -2.97
C GLY A 189 -16.85 16.73 -3.73
N ARG A 190 -15.81 16.68 -4.55
CA ARG A 190 -15.46 15.51 -5.35
C ARG A 190 -14.66 14.52 -4.46
N LEU A 191 -14.45 13.29 -4.97
CA LEU A 191 -13.67 12.26 -4.28
C LEU A 191 -12.19 12.63 -4.39
N TYR A 192 -11.35 12.25 -3.40
CA TYR A 192 -9.92 12.57 -3.44
C TYR A 192 -9.09 11.53 -2.72
N ALA A 193 -7.78 11.47 -3.02
CA ALA A 193 -6.87 10.48 -2.42
C ALA A 193 -6.52 10.80 -0.99
N GLY A 194 -6.26 12.07 -0.72
CA GLY A 194 -5.88 12.56 0.59
C GLY A 194 -4.67 13.48 0.59
N PRO A 195 -3.45 13.00 0.26
CA PRO A 195 -2.28 13.86 0.35
C PRO A 195 -2.35 15.14 -0.43
N GLU A 196 -2.99 15.10 -1.61
CA GLU A 196 -3.07 16.25 -2.51
C GLU A 196 -3.76 17.45 -1.91
N VAL A 197 -4.77 17.22 -1.05
CA VAL A 197 -5.53 18.30 -0.44
C VAL A 197 -4.71 18.97 0.66
N ASP A 198 -3.77 18.22 1.27
CA ASP A 198 -2.85 18.75 2.28
C ASP A 198 -1.80 19.60 1.61
N ILE A 199 -1.39 19.22 0.38
CA ILE A 199 -0.45 19.98 -0.42
C ILE A 199 -1.03 21.37 -0.74
N TRP A 200 -2.30 21.42 -1.21
CA TRP A 200 -2.99 22.67 -1.52
C TRP A 200 -3.01 23.55 -0.28
N SER A 201 -3.28 22.95 0.89
CA SER A 201 -3.33 23.69 2.15
C SER A 201 -1.94 24.24 2.53
N SER A 202 -0.91 23.39 2.38
CA SER A 202 0.48 23.75 2.63
C SER A 202 0.93 24.89 1.70
N GLY A 203 0.35 24.92 0.51
CA GLY A 203 0.58 25.95 -0.49
C GLY A 203 0.09 27.31 -0.03
N VAL A 204 -1.14 27.35 0.52
CA VAL A 204 -1.68 28.63 1.00
C VAL A 204 -0.92 29.06 2.27
N ILE A 205 -0.38 28.08 3.07
CA ILE A 205 0.40 28.39 4.28
C ILE A 205 1.68 29.14 3.87
N LEU A 206 2.36 28.62 2.84
CA LEU A 206 3.58 29.21 2.28
C LEU A 206 3.28 30.63 1.78
N TYR A 207 2.11 30.81 1.16
CA TYR A 207 1.72 32.12 0.68
C TYR A 207 1.55 33.03 1.86
N ALA A 208 0.73 32.61 2.85
CA ALA A 208 0.48 33.37 4.06
C ALA A 208 1.81 33.76 4.71
N LEU A 209 2.78 32.84 4.78
CA LEU A 209 4.10 33.10 5.35
C LEU A 209 4.87 34.20 4.59
N LEU A 210 4.88 34.16 3.25
CA LEU A 210 5.64 35.10 2.41
C LEU A 210 4.96 36.43 2.15
N CYS A 211 3.60 36.48 2.25
CA CYS A 211 2.81 37.66 1.92
C CYS A 211 2.12 38.31 3.08
N GLY A 212 1.78 37.51 4.09
CA GLY A 212 1.06 37.97 5.25
C GLY A 212 -0.43 38.05 4.98
N THR A 213 -0.87 37.58 3.79
CA THR A 213 -2.29 37.53 3.37
C THR A 213 -2.65 36.15 2.79
N LEU A 214 -3.94 35.93 2.44
CA LEU A 214 -4.36 34.67 1.82
C LEU A 214 -4.38 34.80 0.30
N PRO A 215 -4.04 33.73 -0.42
CA PRO A 215 -4.02 33.83 -1.90
C PRO A 215 -5.42 33.85 -2.50
N PHE A 216 -6.30 33.05 -1.87
CA PHE A 216 -7.71 32.90 -2.19
C PHE A 216 -8.47 33.46 -1.00
N ASP A 217 -9.10 34.63 -1.24
CA ASP A 217 -9.84 35.41 -0.25
C ASP A 217 -10.77 36.42 -0.88
N ASP A 218 -11.99 36.52 -0.31
CA ASP A 218 -13.06 37.43 -0.71
C ASP A 218 -14.24 37.31 0.22
N ASP A 219 -14.93 38.45 0.44
CA ASP A 219 -16.15 38.51 1.26
C ASP A 219 -17.28 38.02 0.39
N HIS A 220 -17.15 38.16 -0.95
CA HIS A 220 -18.10 37.63 -1.89
C HIS A 220 -17.72 36.20 -2.13
N VAL A 221 -18.24 35.31 -1.28
CA VAL A 221 -17.99 33.87 -1.28
C VAL A 221 -18.11 33.25 -2.71
N PRO A 222 -19.12 33.61 -3.55
CA PRO A 222 -19.13 33.09 -4.93
C PRO A 222 -17.83 33.37 -5.71
N THR A 223 -17.34 34.63 -5.65
CA THR A 223 -16.08 35.00 -6.29
C THR A 223 -14.93 34.38 -5.54
N LEU A 224 -15.10 34.06 -4.22
CA LEU A 224 -14.05 33.37 -3.49
C LEU A 224 -13.86 31.97 -4.11
N PHE A 225 -14.96 31.19 -4.24
CA PHE A 225 -14.90 29.85 -4.81
C PHE A 225 -14.50 29.83 -6.29
N LYS A 226 -14.93 30.85 -7.06
CA LYS A 226 -14.57 30.94 -8.48
C LYS A 226 -13.05 31.07 -8.59
N LYS A 227 -12.46 31.99 -7.78
CA LYS A 227 -11.03 32.25 -7.76
C LYS A 227 -10.24 31.00 -7.29
N ILE A 228 -10.82 30.17 -6.37
CA ILE A 228 -10.21 28.93 -5.88
C ILE A 228 -10.22 27.90 -6.98
N CYS A 229 -11.35 27.75 -7.66
CA CYS A 229 -11.49 26.75 -8.71
C CYS A 229 -10.83 27.12 -10.00
N ASP A 230 -10.51 28.41 -10.16
CA ASP A 230 -9.78 28.90 -11.34
C ASP A 230 -8.29 28.98 -11.07
N GLY A 231 -7.89 28.50 -9.87
CA GLY A 231 -6.52 28.43 -9.34
C GLY A 231 -5.72 29.69 -9.46
N ILE A 232 -6.43 30.81 -9.57
CA ILE A 232 -5.88 32.13 -9.80
C ILE A 232 -5.76 32.92 -8.49
N PHE A 233 -4.54 33.43 -8.25
CA PHE A 233 -4.16 34.24 -7.09
C PHE A 233 -3.18 35.36 -7.48
N TYR A 234 -2.90 36.30 -6.58
CA TYR A 234 -1.98 37.37 -6.93
C TYR A 234 -0.59 37.11 -6.39
N THR A 235 0.44 37.29 -7.23
CA THR A 235 1.80 37.16 -6.74
C THR A 235 2.40 38.57 -6.63
N PRO A 236 2.67 39.09 -5.39
CA PRO A 236 3.24 40.45 -5.25
C PRO A 236 4.64 40.58 -5.86
N GLN A 237 5.02 41.78 -6.30
CA GLN A 237 6.34 42.00 -6.90
C GLN A 237 7.52 41.57 -6.01
N TYR A 238 7.33 41.61 -4.67
CA TYR A 238 8.37 41.22 -3.73
C TYR A 238 8.66 39.72 -3.70
N LEU A 239 7.72 38.89 -4.16
CA LEU A 239 7.85 37.44 -4.20
C LEU A 239 8.92 36.99 -5.18
N ASN A 240 9.77 36.04 -4.74
CA ASN A 240 10.86 35.51 -5.58
C ASN A 240 10.32 34.52 -6.61
N PRO A 241 10.69 34.69 -7.91
CA PRO A 241 10.21 33.77 -8.96
C PRO A 241 10.30 32.31 -8.59
N SER A 242 11.42 31.90 -7.97
CA SER A 242 11.59 30.51 -7.55
C SER A 242 10.45 30.02 -6.65
N VAL A 243 9.99 30.84 -5.70
CA VAL A 243 8.87 30.41 -4.87
C VAL A 243 7.55 30.53 -5.64
N ILE A 244 7.38 31.56 -6.52
CA ILE A 244 6.18 31.71 -7.37
C ILE A 244 6.04 30.42 -8.18
N SER A 245 7.20 29.86 -8.62
CA SER A 245 7.27 28.60 -9.34
C SER A 245 6.70 27.48 -8.47
N LEU A 246 7.18 27.39 -7.21
CA LEU A 246 6.76 26.36 -6.25
C LEU A 246 5.27 26.44 -5.99
N LEU A 247 4.76 27.67 -5.67
CA LEU A 247 3.34 27.95 -5.41
C LEU A 247 2.48 27.59 -6.58
N LYS A 248 2.95 27.88 -7.82
CA LYS A 248 2.19 27.58 -9.04
C LYS A 248 2.03 26.06 -9.18
N HIS A 249 3.10 25.31 -8.84
CA HIS A 249 3.11 23.85 -8.89
C HIS A 249 2.33 23.25 -7.73
N MET A 250 2.25 23.95 -6.59
CA MET A 250 1.49 23.49 -5.43
C MET A 250 0.01 23.80 -5.57
N LEU A 251 -0.34 25.00 -6.05
CA LEU A 251 -1.74 25.43 -6.19
C LEU A 251 -2.27 25.21 -7.61
N GLN A 252 -2.15 23.94 -8.05
CA GLN A 252 -2.68 23.43 -9.31
C GLN A 252 -4.11 22.99 -9.07
N VAL A 253 -5.08 23.44 -9.90
CA VAL A 253 -6.47 23.01 -9.70
C VAL A 253 -6.61 21.52 -9.99
N ASP A 254 -5.80 21.00 -10.93
CA ASP A 254 -5.78 19.59 -11.30
C ASP A 254 -4.93 18.80 -10.29
N PRO A 255 -5.55 17.87 -9.52
CA PRO A 255 -4.78 17.05 -8.57
C PRO A 255 -3.68 16.24 -9.26
N MET A 256 -3.91 15.82 -10.51
CA MET A 256 -2.91 15.05 -11.26
C MET A 256 -1.72 15.90 -11.71
N LYS A 257 -1.92 17.23 -11.86
CA LYS A 257 -0.86 18.17 -12.27
C LYS A 257 -0.18 18.87 -11.06
N ARG A 258 -0.68 18.61 -9.83
CA ARG A 258 -0.19 19.18 -8.56
C ARG A 258 1.09 18.54 -8.02
N ALA A 259 1.95 19.36 -7.38
CA ALA A 259 3.23 18.94 -6.77
C ALA A 259 3.06 17.91 -5.67
N THR A 260 4.05 17.02 -5.53
CA THR A 260 4.07 16.04 -4.45
C THR A 260 5.11 16.47 -3.45
N ILE A 261 5.08 15.86 -2.23
CA ILE A 261 6.08 16.15 -1.19
C ILE A 261 7.44 15.82 -1.83
N LYS A 262 7.45 14.81 -2.72
CA LYS A 262 8.59 14.38 -3.51
C LYS A 262 9.05 15.48 -4.46
N ASP A 263 8.12 16.10 -5.22
CA ASP A 263 8.39 17.20 -6.17
C ASP A 263 8.88 18.47 -5.43
N ILE A 264 8.31 18.74 -4.23
CA ILE A 264 8.66 19.91 -3.41
C ILE A 264 10.08 19.74 -2.84
N ARG A 265 10.38 18.55 -2.27
CA ARG A 265 11.69 18.18 -1.73
C ARG A 265 12.78 18.42 -2.80
N GLU A 266 12.40 18.26 -4.10
CA GLU A 266 13.23 18.42 -5.30
C GLU A 266 13.33 19.87 -5.76
N HIS A 267 12.42 20.76 -5.32
CA HIS A 267 12.41 22.16 -5.75
C HIS A 267 13.61 22.95 -5.25
N GLU A 268 14.13 23.85 -6.10
CA GLU A 268 15.31 24.67 -5.81
C GLU A 268 15.14 25.61 -4.60
N TRP A 269 13.95 26.21 -4.44
CA TRP A 269 13.67 27.13 -3.35
C TRP A 269 13.56 26.42 -2.00
N PHE A 270 13.02 25.18 -2.02
CA PHE A 270 12.83 24.38 -0.82
C PHE A 270 14.15 23.89 -0.28
N LYS A 271 14.88 23.08 -1.09
CA LYS A 271 16.17 22.43 -0.79
C LYS A 271 17.21 23.37 -0.18
N GLN A 272 17.15 24.67 -0.53
CA GLN A 272 18.05 25.71 -0.08
C GLN A 272 18.04 25.78 1.44
N ASP A 273 19.21 25.63 2.08
CA ASP A 273 19.43 25.68 3.54
C ASP A 273 18.57 24.69 4.35
N LEU A 274 18.02 23.66 3.68
CA LEU A 274 17.15 22.64 4.28
C LEU A 274 17.91 21.76 5.28
N PRO A 275 17.58 21.88 6.61
CA PRO A 275 18.26 21.05 7.60
C PRO A 275 18.04 19.55 7.41
N LYS A 276 19.07 18.87 7.84
CA LYS A 276 19.34 17.45 7.79
C LYS A 276 18.26 16.61 8.48
N TYR A 277 17.95 16.90 9.78
CA TYR A 277 17.00 16.16 10.62
C TYR A 277 15.60 16.02 10.05
N LEU A 278 15.10 17.05 9.37
CA LEU A 278 13.74 17.12 8.83
C LEU A 278 13.30 15.96 7.96
N PHE A 279 14.15 15.53 7.03
CA PHE A 279 13.74 14.47 6.14
C PHE A 279 14.66 13.26 6.06
N PRO A 280 14.10 12.04 5.82
CA PRO A 280 14.96 10.86 5.64
C PRO A 280 15.33 10.66 4.15
N GLU A 281 15.91 9.48 3.78
CA GLU A 281 16.34 9.08 2.42
C GLU A 281 17.43 10.01 1.86
N ALA A 396 -3.03 -2.97 -26.24
CA ALA A 396 -2.20 -2.91 -25.04
C ALA A 396 -2.80 -1.90 -24.07
N LYS A 397 -3.92 -1.27 -24.47
CA LYS A 397 -4.61 -0.25 -23.66
C LYS A 397 -5.42 -0.93 -22.57
N TRP A 398 -5.06 -0.65 -21.31
CA TRP A 398 -5.77 -1.21 -20.17
C TRP A 398 -6.98 -0.35 -19.86
N HIS A 399 -8.00 -0.94 -19.22
CA HIS A 399 -9.24 -0.21 -18.88
C HIS A 399 -9.66 -0.50 -17.46
N LEU A 400 -10.05 0.53 -16.72
CA LEU A 400 -10.50 0.36 -15.34
C LEU A 400 -11.98 -0.01 -15.42
N GLY A 401 -12.29 -1.25 -15.08
CA GLY A 401 -13.65 -1.78 -15.15
C GLY A 401 -14.31 -1.68 -16.52
N ILE A 402 -15.64 -1.92 -16.55
CA ILE A 402 -16.47 -1.84 -17.76
C ILE A 402 -17.23 -0.49 -17.77
N ARG A 403 -17.50 0.05 -18.97
CA ARG A 403 -18.15 1.36 -19.11
C ARG A 403 -19.49 1.33 -19.91
N SER A 404 -20.60 1.11 -19.19
CA SER A 404 -21.95 1.13 -19.78
C SER A 404 -22.38 2.59 -20.02
N GLN A 405 -23.22 2.83 -21.05
CA GLN A 405 -23.68 4.18 -21.38
C GLN A 405 -25.13 4.47 -20.94
N SER A 406 -25.87 3.42 -20.52
CA SER A 406 -27.27 3.48 -20.06
C SER A 406 -27.52 4.37 -18.82
N ARG A 407 -28.81 4.53 -18.43
CA ARG A 407 -29.28 5.33 -17.29
C ARG A 407 -28.67 4.80 -15.98
N PRO A 408 -28.01 5.67 -15.16
CA PRO A 408 -27.39 5.19 -13.90
C PRO A 408 -28.20 4.21 -13.03
N ASN A 409 -29.53 4.41 -12.91
CA ASN A 409 -30.40 3.50 -12.14
C ASN A 409 -30.56 2.14 -12.88
N ASP A 410 -30.80 2.19 -14.22
CA ASP A 410 -30.95 1.01 -15.09
C ASP A 410 -29.65 0.17 -15.15
N ILE A 411 -28.47 0.84 -15.11
CA ILE A 411 -27.13 0.21 -15.13
C ILE A 411 -26.89 -0.58 -13.84
N MET A 412 -27.26 0.00 -12.67
CA MET A 412 -27.14 -0.65 -11.36
C MET A 412 -28.22 -1.75 -11.21
N ALA A 413 -29.32 -1.60 -11.96
CA ALA A 413 -30.41 -2.58 -12.00
C ALA A 413 -29.91 -3.85 -12.68
N GLU A 414 -29.11 -3.67 -13.73
CA GLU A 414 -28.50 -4.76 -14.49
C GLU A 414 -27.50 -5.53 -13.63
N VAL A 415 -26.67 -4.83 -12.80
CA VAL A 415 -25.67 -5.47 -11.92
C VAL A 415 -26.36 -6.26 -10.81
N CYS A 416 -27.58 -5.85 -10.42
CA CYS A 416 -28.36 -6.55 -9.41
C CYS A 416 -28.99 -7.79 -10.05
N ARG A 417 -29.58 -7.62 -11.25
CA ARG A 417 -30.17 -8.70 -12.03
C ARG A 417 -29.07 -9.75 -12.29
N ALA A 418 -27.85 -9.28 -12.65
CA ALA A 418 -26.69 -10.12 -12.92
C ALA A 418 -26.09 -10.74 -11.67
N ILE A 419 -25.90 -9.95 -10.57
CA ILE A 419 -25.34 -10.46 -9.29
C ILE A 419 -26.19 -11.63 -8.80
N LYS A 420 -27.52 -11.54 -9.04
CA LYS A 420 -28.51 -12.57 -8.72
C LYS A 420 -28.43 -13.76 -9.69
N GLN A 421 -28.34 -13.50 -11.03
CA GLN A 421 -28.26 -14.56 -12.07
C GLN A 421 -26.98 -15.40 -11.93
N LEU A 422 -26.03 -14.93 -11.09
CA LEU A 422 -24.77 -15.59 -10.76
C LEU A 422 -24.85 -16.27 -9.38
N ASP A 423 -25.92 -16.00 -8.59
CA ASP A 423 -26.20 -16.54 -7.25
C ASP A 423 -25.12 -16.15 -6.24
N TYR A 424 -24.99 -14.84 -5.98
CA TYR A 424 -24.03 -14.28 -5.03
C TYR A 424 -24.71 -13.28 -4.09
N GLU A 425 -24.61 -13.52 -2.75
CA GLU A 425 -25.20 -12.67 -1.71
C GLU A 425 -24.50 -11.30 -1.65
N TRP A 426 -25.28 -10.20 -1.58
CA TRP A 426 -24.70 -8.86 -1.54
C TRP A 426 -25.26 -7.99 -0.39
N LYS A 427 -24.97 -6.67 -0.42
CA LYS A 427 -25.42 -5.64 0.53
C LYS A 427 -25.39 -4.28 -0.18
N VAL A 428 -26.56 -3.60 -0.26
CA VAL A 428 -26.67 -2.29 -0.92
C VAL A 428 -26.39 -1.17 0.10
N VAL A 429 -25.21 -0.54 -0.03
CA VAL A 429 -24.79 0.55 0.86
C VAL A 429 -25.31 1.87 0.32
N ASN A 430 -24.89 2.25 -0.89
CA ASN A 430 -25.33 3.45 -1.58
C ASN A 430 -26.17 2.99 -2.77
N PRO A 431 -26.95 3.88 -3.46
CA PRO A 431 -27.65 3.42 -4.66
C PRO A 431 -26.69 3.21 -5.85
N TYR A 432 -25.37 3.37 -5.59
CA TYR A 432 -24.29 3.20 -6.56
C TYR A 432 -23.12 2.34 -6.00
N TYR A 433 -23.16 1.96 -4.71
CA TYR A 433 -22.11 1.17 -4.08
C TYR A 433 -22.69 -0.12 -3.47
N LEU A 434 -22.11 -1.27 -3.87
CA LEU A 434 -22.52 -2.62 -3.44
C LEU A 434 -21.35 -3.38 -2.79
N ARG A 435 -21.65 -4.22 -1.77
CA ARG A 435 -20.68 -5.04 -1.02
C ARG A 435 -21.10 -6.54 -1.13
N VAL A 436 -20.74 -7.17 -2.27
CA VAL A 436 -21.05 -8.54 -2.70
C VAL A 436 -20.02 -9.60 -2.21
N ARG A 437 -20.53 -10.80 -1.83
CA ARG A 437 -19.77 -11.96 -1.37
C ARG A 437 -20.28 -13.25 -2.02
N ARG A 438 -19.35 -14.06 -2.60
CA ARG A 438 -19.65 -15.34 -3.26
C ARG A 438 -18.94 -16.50 -2.57
N LYS A 439 -19.70 -17.59 -2.33
CA LYS A 439 -19.19 -18.80 -1.70
C LYS A 439 -18.37 -19.60 -2.70
N ASN A 440 -17.14 -19.99 -2.31
CA ASN A 440 -16.25 -20.79 -3.17
C ASN A 440 -16.81 -22.23 -3.30
N PRO A 441 -17.05 -22.76 -4.50
CA PRO A 441 -17.59 -24.14 -4.59
C PRO A 441 -16.64 -25.21 -4.05
N VAL A 442 -15.33 -25.09 -4.38
CA VAL A 442 -14.29 -26.02 -3.93
C VAL A 442 -13.84 -25.73 -2.48
N THR A 443 -12.97 -24.69 -2.28
CA THR A 443 -12.38 -24.26 -0.98
C THR A 443 -13.41 -24.01 0.14
N SER A 444 -14.66 -23.69 -0.24
CA SER A 444 -15.79 -23.39 0.65
C SER A 444 -15.55 -22.11 1.47
N THR A 445 -14.56 -21.33 1.05
CA THR A 445 -14.19 -20.06 1.69
C THR A 445 -14.98 -18.92 1.05
N PHE A 446 -15.66 -18.12 1.88
CA PHE A 446 -16.42 -16.97 1.40
C PHE A 446 -15.42 -15.86 1.03
N SER A 447 -15.50 -15.31 -0.21
CA SER A 447 -14.61 -14.24 -0.72
C SER A 447 -15.42 -12.96 -1.00
N LYS A 448 -14.88 -11.77 -0.68
CA LYS A 448 -15.64 -10.55 -0.89
C LYS A 448 -15.01 -9.56 -1.89
N MET A 449 -15.86 -8.71 -2.51
CA MET A 449 -15.52 -7.64 -3.47
C MET A 449 -16.57 -6.52 -3.45
N SER A 450 -16.20 -5.31 -3.91
CA SER A 450 -17.09 -4.14 -3.94
C SER A 450 -17.23 -3.50 -5.33
N LEU A 451 -18.46 -3.11 -5.67
CA LEU A 451 -18.80 -2.48 -6.95
C LEU A 451 -19.24 -1.05 -6.72
N GLN A 452 -18.76 -0.12 -7.56
CA GLN A 452 -19.11 1.29 -7.50
C GLN A 452 -19.32 1.82 -8.92
N LEU A 453 -20.40 2.60 -9.13
CA LEU A 453 -20.66 3.23 -10.43
C LEU A 453 -20.13 4.66 -10.34
N TYR A 454 -19.37 5.09 -11.35
CA TYR A 454 -18.77 6.41 -11.41
C TYR A 454 -19.17 7.11 -12.71
N GLN A 455 -19.42 8.43 -12.68
CA GLN A 455 -19.73 9.23 -13.88
C GLN A 455 -18.41 9.70 -14.49
N VAL A 456 -18.09 9.22 -15.69
CA VAL A 456 -16.86 9.55 -16.43
C VAL A 456 -17.05 10.87 -17.17
N ASP A 457 -18.20 10.99 -17.85
CA ASP A 457 -18.64 12.13 -18.63
C ASP A 457 -20.15 12.32 -18.37
N SER A 458 -20.78 13.20 -19.14
CA SER A 458 -22.20 13.53 -19.11
C SER A 458 -22.98 12.40 -19.81
N ARG A 459 -22.37 11.82 -20.86
CA ARG A 459 -22.92 10.75 -21.69
C ARG A 459 -22.48 9.33 -21.29
N THR A 460 -21.36 9.19 -20.53
CA THR A 460 -20.87 7.85 -20.18
C THR A 460 -20.58 7.64 -18.67
N TYR A 461 -20.72 6.37 -18.20
CA TYR A 461 -20.53 5.88 -16.82
C TYR A 461 -19.56 4.67 -16.77
N LEU A 462 -19.04 4.31 -15.56
CA LEU A 462 -18.08 3.21 -15.39
C LEU A 462 -18.35 2.40 -14.13
N LEU A 463 -18.23 1.06 -14.22
CA LEU A 463 -18.41 0.19 -13.07
C LEU A 463 -17.06 -0.26 -12.55
N ASP A 464 -16.72 0.18 -11.33
CA ASP A 464 -15.45 -0.14 -10.68
C ASP A 464 -15.53 -1.32 -9.74
N PHE A 465 -14.67 -2.31 -10.00
CA PHE A 465 -14.57 -3.55 -9.23
C PHE A 465 -13.36 -3.45 -8.30
N ARG A 466 -13.59 -3.47 -6.97
CA ARG A 466 -12.54 -3.39 -5.96
C ARG A 466 -12.52 -4.65 -5.08
N SER A 467 -11.32 -5.17 -4.81
CA SER A 467 -11.13 -6.37 -3.98
C SER A 467 -11.21 -6.04 -2.50
N ILE A 468 -11.91 -6.89 -1.76
CA ILE A 468 -12.07 -6.76 -0.31
C ILE A 468 -11.23 -7.82 0.39
N ASP A 469 -10.13 -7.36 1.01
CA ASP A 469 -9.17 -8.19 1.74
C ASP A 469 -9.81 -8.83 2.99
N ASP A 470 -9.95 -10.17 3.00
CA ASP A 470 -10.58 -10.95 4.08
C ASP A 470 -9.75 -11.06 5.38
N GLU A 471 -10.44 -11.40 6.52
CA GLU A 471 -9.90 -11.60 7.88
C GLU A 471 -8.81 -10.60 8.30
N ARG A 482 -3.49 -22.06 3.20
CA ARG A 482 -4.75 -22.71 3.52
C ARG A 482 -5.82 -22.63 2.37
N PRO A 483 -6.09 -21.46 1.71
CA PRO A 483 -7.13 -21.47 0.66
C PRO A 483 -6.60 -21.82 -0.75
N GLY A 484 -7.15 -21.16 -1.78
CA GLY A 484 -6.76 -21.28 -3.18
C GLY A 484 -5.84 -20.13 -3.56
N SER A 485 -6.41 -18.98 -3.99
CA SER A 485 -5.72 -17.72 -4.33
C SER A 485 -6.69 -16.55 -4.43
N HIS A 486 -6.66 -15.68 -3.42
CA HIS A 486 -7.51 -14.51 -3.28
C HIS A 486 -7.61 -13.72 -4.57
N THR A 487 -6.47 -13.20 -5.06
CA THR A 487 -6.36 -12.37 -6.27
C THR A 487 -7.02 -13.05 -7.49
N ILE A 488 -6.69 -14.35 -7.76
CA ILE A 488 -7.25 -15.08 -8.92
C ILE A 488 -8.73 -15.32 -8.74
N GLU A 489 -9.16 -15.59 -7.51
CA GLU A 489 -10.57 -15.78 -7.20
C GLU A 489 -11.35 -14.48 -7.48
N PHE A 490 -10.75 -13.33 -7.11
CA PHE A 490 -11.32 -12.00 -7.37
C PHE A 490 -11.50 -11.79 -8.87
N PHE A 491 -10.50 -12.21 -9.67
CA PHE A 491 -10.58 -12.08 -11.12
C PHE A 491 -11.73 -12.91 -11.68
N GLU A 492 -11.77 -14.21 -11.31
CA GLU A 492 -12.82 -15.12 -11.77
C GLU A 492 -14.22 -14.61 -11.32
N MET A 493 -14.30 -13.98 -10.13
CA MET A 493 -15.53 -13.40 -9.62
C MET A 493 -16.03 -12.31 -10.59
N CYS A 494 -15.15 -11.34 -10.90
CA CYS A 494 -15.38 -10.21 -11.81
C CYS A 494 -15.70 -10.68 -13.22
N ALA A 495 -14.84 -11.54 -13.80
CA ALA A 495 -14.97 -12.08 -15.14
C ALA A 495 -16.35 -12.64 -15.45
N ASN A 496 -17.09 -13.09 -14.41
CA ASN A 496 -18.44 -13.60 -14.57
C ASN A 496 -19.44 -12.44 -14.79
N LEU A 497 -19.51 -11.48 -13.81
CA LEU A 497 -20.39 -10.29 -13.85
C LEU A 497 -20.14 -9.36 -15.07
N ILE A 498 -19.04 -9.64 -15.83
CA ILE A 498 -18.57 -8.92 -17.04
C ILE A 498 -19.11 -9.60 -18.31
N LYS A 499 -18.91 -10.95 -18.43
CA LYS A 499 -19.34 -11.77 -19.57
C LYS A 499 -20.87 -11.73 -19.77
N ILE A 500 -21.55 -10.92 -18.94
CA ILE A 500 -22.97 -10.61 -18.92
C ILE A 500 -23.11 -9.14 -18.52
N LEU A 501 -22.53 -8.20 -19.33
CA LEU A 501 -22.61 -6.74 -19.06
C LEU A 501 -22.12 -5.86 -20.26
N ALA A 502 -22.47 -4.51 -20.18
CA ALA A 502 -22.30 -3.44 -21.18
C ALA A 502 -20.95 -2.68 -21.20
N GLN A 503 -20.19 -2.84 -22.33
CA GLN A 503 -18.91 -2.19 -22.69
C GLN A 503 -17.80 -2.33 -21.63
N ALA B 11 -7.99 4.60 43.34
CA ALA B 11 -9.20 5.25 42.85
C ALA B 11 -9.07 5.86 41.42
N ARG B 12 -10.24 6.05 40.77
CA ARG B 12 -10.30 6.60 39.42
C ARG B 12 -10.82 8.04 39.43
N PRO B 13 -10.20 8.95 38.62
CA PRO B 13 -10.67 10.34 38.60
C PRO B 13 -12.09 10.46 38.04
N THR B 14 -13.01 10.99 38.86
CA THR B 14 -14.40 11.20 38.45
C THR B 14 -14.61 12.69 38.35
N VAL B 15 -15.44 13.14 37.40
CA VAL B 15 -15.69 14.57 37.19
C VAL B 15 -17.09 14.99 37.68
N PHE B 16 -17.15 16.08 38.44
CA PHE B 16 -18.39 16.63 38.96
C PHE B 16 -18.50 18.02 38.39
N ARG B 17 -19.56 18.25 37.61
CA ARG B 17 -19.73 19.51 36.90
C ARG B 17 -21.13 20.02 37.03
N TRP B 18 -21.27 21.22 37.61
CA TRP B 18 -22.58 21.82 37.77
C TRP B 18 -22.74 22.78 36.63
N THR B 19 -23.64 22.44 35.71
CA THR B 19 -23.92 23.33 34.59
C THR B 19 -25.10 24.16 34.97
N GLY B 20 -24.83 25.43 35.10
CA GLY B 20 -25.78 26.43 35.50
C GLY B 20 -25.03 27.50 36.22
N GLY B 21 -25.69 28.64 36.41
CA GLY B 21 -25.11 29.80 37.07
C GLY B 21 -25.11 29.63 38.57
N GLY B 22 -24.33 30.48 39.24
CA GLY B 22 -24.20 30.50 40.69
C GLY B 22 -23.07 31.37 41.22
N LYS B 23 -23.25 31.87 42.45
CA LYS B 23 -22.26 32.67 43.14
C LYS B 23 -21.39 31.71 43.95
N GLU B 24 -22.00 30.76 44.68
CA GLU B 24 -21.30 29.75 45.48
C GLU B 24 -21.91 28.35 45.19
N VAL B 25 -21.09 27.37 44.76
CA VAL B 25 -21.58 26.03 44.41
C VAL B 25 -20.69 24.99 45.06
N TYR B 26 -21.28 24.14 45.95
CA TYR B 26 -20.58 23.06 46.67
C TYR B 26 -21.12 21.66 46.33
N LEU B 27 -20.28 20.63 46.48
CA LEU B 27 -20.67 19.25 46.25
C LEU B 27 -20.56 18.45 47.53
N SER B 28 -21.69 17.94 48.09
CA SER B 28 -21.69 17.06 49.28
C SER B 28 -21.91 15.62 48.75
N GLY B 29 -21.23 14.63 49.34
CA GLY B 29 -21.32 13.28 48.84
C GLY B 29 -20.92 12.18 49.81
N SER B 30 -21.37 10.95 49.51
CA SER B 30 -21.08 9.75 50.27
C SER B 30 -19.56 9.64 50.45
N PHE B 31 -18.80 9.83 49.35
CA PHE B 31 -17.35 9.82 49.26
C PHE B 31 -16.63 10.78 50.22
N ASN B 32 -17.21 11.92 50.61
CA ASN B 32 -16.51 12.80 51.55
C ASN B 32 -17.32 13.06 52.85
N ASN B 33 -18.18 12.10 53.21
CA ASN B 33 -19.03 12.15 54.39
C ASN B 33 -19.91 13.40 54.38
N TRP B 34 -20.40 13.72 53.18
CA TRP B 34 -21.32 14.80 52.89
C TRP B 34 -20.80 16.18 53.25
N SER B 35 -19.47 16.31 53.33
CA SER B 35 -18.85 17.60 53.62
C SER B 35 -18.90 18.48 52.37
N LYS B 36 -19.33 19.77 52.50
CA LYS B 36 -19.46 20.73 51.39
C LYS B 36 -18.11 21.03 50.71
N LEU B 37 -17.94 20.52 49.49
CA LEU B 37 -16.71 20.71 48.76
C LEU B 37 -16.94 21.80 47.70
N PRO B 38 -16.20 22.93 47.74
CA PRO B 38 -16.40 23.98 46.71
C PRO B 38 -15.96 23.56 45.33
N LEU B 39 -16.78 23.88 44.32
CA LEU B 39 -16.53 23.59 42.92
C LEU B 39 -16.04 24.87 42.28
N THR B 40 -14.95 24.79 41.51
CA THR B 40 -14.35 25.94 40.83
C THR B 40 -15.07 26.18 39.51
N ARG B 41 -15.45 27.46 39.21
CA ARG B 41 -16.18 27.76 37.95
C ARG B 41 -15.32 28.35 36.85
N ASP B 42 -15.55 27.87 35.63
CA ASP B 42 -14.90 28.30 34.37
C ASP B 42 -15.84 29.33 33.77
N GLN B 43 -17.07 28.90 33.44
CA GLN B 43 -18.07 29.80 32.91
C GLN B 43 -19.37 29.48 33.62
N ASN B 44 -20.24 28.71 32.99
CA ASN B 44 -21.50 28.27 33.58
C ASN B 44 -21.33 26.80 34.01
N ASN B 45 -20.02 26.37 34.12
CA ASN B 45 -19.59 25.04 34.54
C ASN B 45 -18.67 25.16 35.74
N PHE B 46 -19.11 24.59 36.89
CA PHE B 46 -18.38 24.55 38.16
C PHE B 46 -17.97 23.12 38.33
N VAL B 47 -16.66 22.86 38.42
CA VAL B 47 -16.15 21.49 38.47
C VAL B 47 -15.33 21.11 39.68
N ALA B 48 -15.13 19.81 39.79
CA ALA B 48 -14.29 19.12 40.74
C ALA B 48 -13.94 17.76 40.14
N ILE B 49 -12.66 17.40 40.19
CA ILE B 49 -12.18 16.10 39.72
C ILE B 49 -11.62 15.45 40.97
N LEU B 50 -12.38 14.49 41.49
CA LEU B 50 -12.06 13.74 42.72
C LEU B 50 -11.87 12.25 42.36
N ASP B 51 -11.04 11.51 43.11
CA ASP B 51 -10.88 10.09 42.82
C ASP B 51 -11.88 9.27 43.66
N LEU B 52 -12.66 8.40 43.01
CA LEU B 52 -13.62 7.56 43.72
C LEU B 52 -13.36 6.07 43.48
N PRO B 53 -13.59 5.17 44.48
CA PRO B 53 -13.41 3.73 44.22
C PRO B 53 -14.48 3.20 43.26
N GLU B 54 -14.20 2.10 42.53
CA GLU B 54 -15.16 1.43 41.64
C GLU B 54 -16.35 0.96 42.51
N GLY B 55 -17.52 1.51 42.25
CA GLY B 55 -18.72 1.21 43.02
C GLY B 55 -19.72 2.35 43.11
N GLU B 56 -20.84 2.10 43.82
CA GLU B 56 -21.94 3.06 43.98
C GLU B 56 -21.60 4.21 44.94
N HIS B 57 -21.94 5.45 44.51
CA HIS B 57 -21.73 6.69 45.27
C HIS B 57 -22.90 7.62 45.08
N GLN B 58 -23.31 8.26 46.18
CA GLN B 58 -24.39 9.22 46.20
C GLN B 58 -23.85 10.60 46.47
N TYR B 59 -24.38 11.62 45.77
CA TYR B 59 -23.96 13.03 45.92
C TYR B 59 -25.13 14.03 45.73
N LYS B 60 -24.98 15.24 46.27
CA LYS B 60 -25.96 16.31 46.14
C LYS B 60 -25.16 17.61 45.93
N PHE B 61 -25.84 18.70 45.47
CA PHE B 61 -25.19 20.00 45.25
C PHE B 61 -25.78 21.07 46.15
N PHE B 62 -24.94 22.03 46.57
CA PHE B 62 -25.41 23.13 47.38
C PHE B 62 -25.28 24.38 46.57
N VAL B 63 -26.16 24.54 45.59
CA VAL B 63 -26.09 25.68 44.68
C VAL B 63 -26.76 26.92 45.25
N ASP B 64 -25.95 27.88 45.72
CA ASP B 64 -26.35 29.18 46.30
C ASP B 64 -27.45 29.11 47.36
N GLY B 65 -27.16 28.41 48.46
CA GLY B 65 -28.05 28.31 49.60
C GLY B 65 -29.16 27.29 49.49
N GLN B 66 -29.25 26.64 48.32
CA GLN B 66 -30.24 25.63 48.01
C GLN B 66 -29.59 24.31 47.68
N TRP B 67 -30.14 23.25 48.29
CA TRP B 67 -29.68 21.89 48.08
C TRP B 67 -30.38 21.36 46.87
N THR B 68 -29.63 20.91 45.84
CA THR B 68 -30.19 20.38 44.58
C THR B 68 -29.47 19.16 44.09
N HIS B 69 -29.99 18.60 43.02
CA HIS B 69 -29.36 17.50 42.33
C HIS B 69 -29.39 17.86 40.85
N ASP B 70 -28.49 17.25 40.07
CA ASP B 70 -28.42 17.40 38.63
C ASP B 70 -29.54 16.53 38.06
N PRO B 71 -30.62 17.14 37.51
CA PRO B 71 -31.75 16.34 36.99
C PRO B 71 -31.38 15.44 35.84
N SER B 72 -30.40 15.87 35.03
CA SER B 72 -29.88 15.15 33.86
C SER B 72 -29.11 13.88 34.25
N GLU B 73 -28.75 13.77 35.52
CA GLU B 73 -28.01 12.66 36.07
C GLU B 73 -28.90 11.67 36.83
N PRO B 74 -28.48 10.37 36.93
CA PRO B 74 -29.32 9.40 37.66
C PRO B 74 -29.51 9.73 39.15
N ILE B 75 -30.77 9.68 39.59
CA ILE B 75 -31.14 9.94 40.97
C ILE B 75 -31.52 8.64 41.67
N VAL B 76 -31.80 8.78 42.97
CA VAL B 76 -32.29 7.77 43.91
C VAL B 76 -33.08 8.51 44.96
N THR B 77 -34.28 8.04 45.24
CA THR B 77 -35.09 8.62 46.29
C THR B 77 -35.00 7.71 47.52
N SER B 78 -34.73 8.30 48.68
CA SER B 78 -34.58 7.55 49.92
C SER B 78 -35.93 7.08 50.43
N GLN B 79 -35.89 6.15 51.38
CA GLN B 79 -37.03 5.58 52.09
C GLN B 79 -37.66 6.72 52.96
N LEU B 80 -36.86 7.80 53.19
CA LEU B 80 -37.16 9.03 53.95
C LEU B 80 -37.46 10.24 53.01
N GLY B 81 -37.46 9.98 51.71
CA GLY B 81 -37.75 11.00 50.70
C GLY B 81 -36.64 11.99 50.41
N THR B 82 -35.38 11.51 50.49
CA THR B 82 -34.13 12.24 50.23
C THR B 82 -33.80 11.97 48.77
N VAL B 83 -33.84 12.99 47.88
CA VAL B 83 -33.48 12.71 46.48
C VAL B 83 -32.06 13.15 46.19
N ASN B 84 -31.14 12.18 46.15
CA ASN B 84 -29.73 12.45 45.84
C ASN B 84 -29.34 11.89 44.46
N ASN B 85 -28.28 12.42 43.87
CA ASN B 85 -27.79 11.88 42.61
C ASN B 85 -26.97 10.66 42.91
N ILE B 86 -26.97 9.71 41.99
CA ILE B 86 -26.21 8.47 42.10
C ILE B 86 -25.16 8.39 40.99
N ILE B 87 -24.11 7.60 41.23
CA ILE B 87 -23.06 7.36 40.25
C ILE B 87 -22.46 5.97 40.49
N GLN B 88 -22.63 5.08 39.49
CA GLN B 88 -22.02 3.75 39.55
C GLN B 88 -20.72 3.97 38.78
N VAL B 89 -19.56 4.02 39.47
CA VAL B 89 -18.32 4.23 38.73
C VAL B 89 -17.80 2.85 38.32
N LYS B 90 -18.02 2.54 37.02
CA LYS B 90 -17.72 1.27 36.34
C LYS B 90 -16.22 1.06 36.00
N LYS B 91 -15.77 -0.21 35.96
CA LYS B 91 -14.37 -0.57 35.66
C LYS B 91 -13.95 -0.07 34.28
N THR B 92 -14.85 -0.26 33.27
CA THR B 92 -14.67 0.10 31.86
C THR B 92 -14.50 1.64 31.65
N ASP B 93 -14.80 2.48 32.68
CA ASP B 93 -14.68 3.94 32.62
C ASP B 93 -13.24 4.45 32.75
N PHE B 94 -12.31 3.63 33.26
CA PHE B 94 -10.92 4.06 33.47
C PHE B 94 -9.95 3.90 32.26
N GLU B 95 -10.10 2.84 31.43
CA GLU B 95 -9.26 2.61 30.23
C GLU B 95 -9.97 3.13 28.99
N VAL B 96 -9.35 4.11 28.33
CA VAL B 96 -9.83 4.85 27.16
C VAL B 96 -10.41 3.98 26.08
N PHE B 97 -9.71 2.91 25.72
CA PHE B 97 -10.17 2.06 24.65
C PHE B 97 -11.31 1.15 25.06
N ASP B 98 -11.49 0.89 26.38
CA ASP B 98 -12.60 0.09 26.89
C ASP B 98 -13.85 0.98 26.93
N ALA B 99 -13.65 2.26 27.37
CA ALA B 99 -14.66 3.30 27.49
C ALA B 99 -15.22 3.70 26.13
N LEU B 100 -14.35 3.84 25.13
CA LEU B 100 -14.76 4.21 23.77
C LEU B 100 -15.46 3.02 23.06
N MET B 101 -15.19 1.79 23.53
CA MET B 101 -15.79 0.58 23.01
C MET B 101 -17.19 0.46 23.61
N VAL B 102 -17.35 0.78 24.91
CA VAL B 102 -18.65 0.74 25.61
C VAL B 102 -19.55 1.90 25.11
N ASP B 103 -18.95 3.04 24.70
CA ASP B 103 -19.63 4.21 24.13
C ASP B 103 -20.13 3.90 22.71
N SER B 104 -19.33 3.12 21.92
CA SER B 104 -19.65 2.69 20.54
C SER B 104 -20.91 1.83 20.55
N GLN B 105 -21.02 0.97 21.58
CA GLN B 105 -22.14 0.06 21.84
C GLN B 105 -23.40 0.82 22.31
N LYS B 106 -23.24 1.85 23.17
CA LYS B 106 -24.36 2.66 23.69
C LYS B 106 -25.07 3.49 22.59
N CYS B 107 -24.31 3.89 21.53
CA CYS B 107 -24.79 4.67 20.37
C CYS B 107 -25.20 3.76 19.21
N LYS B 135 -29.69 10.19 -5.01
CA LYS B 135 -28.30 10.59 -5.25
C LYS B 135 -27.92 10.49 -6.73
N ALA B 136 -26.73 11.03 -7.07
CA ALA B 136 -26.13 11.01 -8.41
C ALA B 136 -24.80 10.22 -8.36
N PRO B 137 -24.36 9.55 -9.45
CA PRO B 137 -23.11 8.76 -9.38
C PRO B 137 -21.86 9.61 -9.13
N PRO B 138 -20.95 9.20 -8.20
CA PRO B 138 -19.74 10.01 -7.95
C PRO B 138 -18.93 10.29 -9.22
N ILE B 139 -18.23 11.44 -9.30
CA ILE B 139 -17.40 11.73 -10.48
C ILE B 139 -16.13 10.92 -10.30
N LEU B 140 -15.76 10.12 -11.34
CA LEU B 140 -14.59 9.24 -11.32
C LEU B 140 -13.27 9.96 -10.94
N PRO B 141 -12.61 9.55 -9.83
CA PRO B 141 -11.33 10.16 -9.46
C PRO B 141 -10.26 9.96 -10.54
N PRO B 142 -9.47 11.00 -10.87
CA PRO B 142 -8.49 10.85 -11.97
C PRO B 142 -7.31 9.93 -11.65
N HIS B 143 -7.12 9.67 -10.34
CA HIS B 143 -6.11 8.81 -9.76
C HIS B 143 -6.27 7.43 -10.29
N LEU B 144 -7.53 7.00 -10.48
CA LEU B 144 -7.84 5.67 -11.00
C LEU B 144 -7.51 5.51 -12.48
N LEU B 145 -7.58 6.59 -13.28
CA LEU B 145 -7.25 6.49 -14.69
C LEU B 145 -5.71 6.34 -14.91
N GLN B 146 -4.89 6.72 -13.90
CA GLN B 146 -3.42 6.58 -13.93
C GLN B 146 -3.05 5.13 -13.63
N VAL B 147 -2.28 4.50 -14.54
CA VAL B 147 -1.87 3.08 -14.42
C VAL B 147 -0.35 2.92 -14.16
N ILE B 148 0.12 1.66 -13.94
CA ILE B 148 1.54 1.33 -13.74
C ILE B 148 2.02 0.38 -14.88
N LEU B 149 1.04 -0.15 -15.66
CA LEU B 149 1.19 -1.10 -16.76
C LEU B 149 1.51 -0.47 -18.13
N ASN B 150 0.80 0.62 -18.51
CA ASN B 150 1.03 1.29 -19.80
C ASN B 150 2.33 2.10 -19.81
N PRO B 159 11.29 -4.76 -17.27
CA PRO B 159 10.41 -5.81 -17.81
C PRO B 159 9.28 -6.18 -16.84
N ALA B 160 9.63 -6.94 -15.76
CA ALA B 160 8.75 -7.37 -14.67
C ALA B 160 8.62 -6.23 -13.71
N LEU B 161 9.70 -5.44 -13.57
CA LEU B 161 9.78 -4.28 -12.69
C LEU B 161 8.94 -3.10 -13.19
N LEU B 162 7.95 -2.72 -12.35
CA LEU B 162 6.94 -1.69 -12.60
C LEU B 162 7.07 -0.52 -11.61
N PRO B 163 6.49 0.70 -11.90
CA PRO B 163 6.60 1.79 -10.91
C PRO B 163 5.74 1.54 -9.68
N GLU B 164 6.13 2.12 -8.54
CA GLU B 164 5.39 2.00 -7.28
C GLU B 164 4.01 2.67 -7.50
N PRO B 165 2.87 1.96 -7.23
CA PRO B 165 1.54 2.58 -7.49
C PRO B 165 0.98 3.44 -6.36
N ASN B 166 0.03 4.36 -6.67
CA ASN B 166 -0.58 5.14 -5.60
C ASN B 166 -1.57 4.18 -4.92
N HIS B 167 -1.51 4.13 -3.57
CA HIS B 167 -2.31 3.27 -2.69
C HIS B 167 -3.79 3.13 -3.12
N VAL B 168 -4.37 4.19 -3.72
CA VAL B 168 -5.77 4.28 -4.17
C VAL B 168 -6.13 3.36 -5.34
N MET B 169 -5.16 2.91 -6.14
CA MET B 169 -5.47 2.05 -7.28
C MET B 169 -5.30 0.56 -6.96
N LEU B 170 -4.71 0.25 -5.79
CA LEU B 170 -4.53 -1.12 -5.35
C LEU B 170 -5.88 -1.80 -5.15
N ASN B 171 -5.98 -3.10 -5.50
CA ASN B 171 -7.17 -3.94 -5.41
C ASN B 171 -8.27 -3.62 -6.45
N HIS B 172 -8.03 -2.68 -7.38
CA HIS B 172 -9.00 -2.34 -8.43
C HIS B 172 -8.85 -3.21 -9.66
N LEU B 173 -9.97 -3.50 -10.35
CA LEU B 173 -9.89 -4.33 -11.54
C LEU B 173 -9.71 -3.52 -12.80
N TYR B 174 -8.69 -3.90 -13.56
CA TYR B 174 -8.33 -3.36 -14.84
C TYR B 174 -8.36 -4.55 -15.78
N ALA B 175 -8.96 -4.35 -16.95
CA ALA B 175 -9.11 -5.40 -17.95
C ALA B 175 -8.75 -4.84 -19.29
N LEU B 176 -8.30 -5.74 -20.19
CA LEU B 176 -7.95 -5.43 -21.56
C LEU B 176 -9.06 -5.96 -22.42
N SER B 177 -9.34 -5.24 -23.51
CA SER B 177 -10.38 -5.58 -24.50
C SER B 177 -10.32 -7.04 -24.97
N ILE B 178 -11.48 -7.72 -25.05
CA ILE B 178 -11.54 -9.12 -25.46
C ILE B 178 -11.14 -9.30 -26.93
N LYS B 179 -9.84 -9.61 -27.17
CA LYS B 179 -9.29 -9.87 -28.50
C LYS B 179 -9.06 -11.37 -28.61
N ASP B 180 -9.73 -11.99 -29.58
CA ASP B 180 -9.69 -13.44 -29.86
C ASP B 180 -10.20 -14.24 -28.66
N GLY B 181 -11.48 -14.07 -28.36
CA GLY B 181 -12.23 -14.76 -27.30
C GLY B 181 -11.52 -15.06 -25.99
N VAL B 182 -10.58 -14.17 -25.59
CA VAL B 182 -9.82 -14.30 -24.34
C VAL B 182 -9.68 -12.92 -23.65
N MET B 183 -10.24 -12.83 -22.44
CA MET B 183 -10.16 -11.62 -21.64
C MET B 183 -8.91 -11.67 -20.80
N VAL B 184 -8.27 -10.51 -20.63
CA VAL B 184 -7.06 -10.36 -19.80
C VAL B 184 -7.45 -9.49 -18.59
N LEU B 185 -7.29 -10.02 -17.38
CA LEU B 185 -7.63 -9.27 -16.17
C LEU B 185 -6.36 -8.93 -15.42
N SER B 186 -6.37 -7.81 -14.67
CA SER B 186 -5.22 -7.36 -13.91
C SER B 186 -5.62 -6.59 -12.67
N ALA B 187 -4.74 -6.60 -11.65
CA ALA B 187 -4.87 -5.85 -10.39
C ALA B 187 -3.56 -5.86 -9.64
N THR B 188 -3.25 -4.73 -8.97
CA THR B 188 -2.04 -4.59 -8.16
C THR B 188 -2.44 -4.67 -6.72
N HIS B 189 -1.88 -5.64 -6.01
CA HIS B 189 -2.15 -5.85 -4.59
C HIS B 189 -0.86 -5.63 -3.84
N ARG B 190 -0.95 -5.38 -2.52
CA ARG B 190 0.25 -5.25 -1.71
C ARG B 190 0.35 -6.39 -0.70
N TYR B 191 1.55 -6.95 -0.57
CA TYR B 191 1.89 -7.98 0.40
C TYR B 191 3.03 -7.38 1.21
N LYS B 192 2.77 -7.10 2.51
CA LYS B 192 3.73 -6.46 3.40
C LYS B 192 4.13 -5.07 2.80
N LYS B 193 5.41 -4.86 2.45
CA LYS B 193 5.88 -3.58 1.87
C LYS B 193 6.22 -3.66 0.34
N LYS B 194 5.97 -4.85 -0.28
CA LYS B 194 6.19 -5.13 -1.69
C LYS B 194 4.81 -5.21 -2.43
N TYR B 195 4.78 -4.98 -3.77
CA TYR B 195 3.54 -4.99 -4.59
C TYR B 195 3.62 -5.92 -5.79
N VAL B 196 2.51 -6.60 -6.11
CA VAL B 196 2.47 -7.54 -7.24
C VAL B 196 1.28 -7.30 -8.15
N THR B 197 1.56 -7.11 -9.45
CA THR B 197 0.51 -6.91 -10.45
C THR B 197 0.26 -8.22 -11.20
N THR B 198 -0.82 -8.93 -10.79
CA THR B 198 -1.19 -10.22 -11.37
C THR B 198 -2.06 -10.05 -12.61
N LEU B 199 -1.70 -10.75 -13.69
CA LEU B 199 -2.41 -10.77 -14.98
C LEU B 199 -3.01 -12.15 -15.21
N LEU B 200 -4.33 -12.23 -15.34
CA LEU B 200 -4.98 -13.50 -15.62
C LEU B 200 -5.44 -13.58 -17.07
N TYR B 201 -5.00 -14.62 -17.77
CA TYR B 201 -5.40 -14.92 -19.13
C TYR B 201 -6.46 -16.00 -19.01
N LYS B 202 -7.72 -15.62 -19.24
CA LYS B 202 -8.84 -16.53 -19.12
C LYS B 202 -9.77 -16.44 -20.32
N PRO B 203 -10.02 -17.56 -21.04
CA PRO B 203 -10.97 -17.50 -22.16
C PRO B 203 -12.41 -17.28 -21.69
N ILE B 204 -13.28 -16.66 -22.53
CA ILE B 204 -14.68 -16.41 -22.19
C ILE B 204 -15.58 -16.91 -23.32
N SER C 26 29.97 -24.48 6.36
CA SER C 26 29.96 -23.45 5.32
C SER C 26 29.35 -22.13 5.83
N VAL C 27 30.04 -20.99 5.58
CA VAL C 27 29.63 -19.64 6.00
C VAL C 27 28.55 -19.01 5.09
N TYR C 28 28.55 -19.38 3.79
CA TYR C 28 27.60 -18.90 2.80
C TYR C 28 26.24 -19.58 3.00
N THR C 29 26.27 -20.87 3.39
CA THR C 29 25.10 -21.71 3.63
C THR C 29 24.30 -21.18 4.85
N THR C 30 25.01 -20.65 5.87
CA THR C 30 24.41 -20.06 7.07
C THR C 30 23.71 -18.74 6.73
N PHE C 31 24.26 -17.98 5.75
CA PHE C 31 23.73 -16.71 5.26
C PHE C 31 22.36 -16.94 4.60
N MET C 32 22.26 -18.03 3.82
CA MET C 32 21.07 -18.43 3.10
C MET C 32 19.99 -18.98 4.05
N LYS C 33 20.36 -19.89 4.98
CA LYS C 33 19.47 -20.54 5.96
C LYS C 33 18.81 -19.55 6.93
N SER C 34 19.26 -18.28 6.92
CA SER C 34 18.79 -17.19 7.76
C SER C 34 17.87 -16.19 7.04
N HIS C 35 18.26 -15.75 5.82
CA HIS C 35 17.55 -14.75 5.04
C HIS C 35 16.21 -15.23 4.47
N ARG C 36 15.13 -14.44 4.70
CA ARG C 36 13.77 -14.73 4.23
C ARG C 36 13.63 -14.57 2.71
N CYS C 37 12.82 -15.44 2.05
CA CYS C 37 12.54 -15.41 0.60
C CYS C 37 11.97 -14.08 0.17
N TYR C 38 11.15 -13.49 1.05
CA TYR C 38 10.53 -12.18 0.87
C TYR C 38 11.58 -11.13 0.51
N ASP C 39 12.72 -11.09 1.24
CA ASP C 39 13.80 -10.12 1.00
C ASP C 39 14.25 -10.09 -0.46
N LEU C 40 14.29 -11.26 -1.13
CA LEU C 40 14.68 -11.36 -2.55
C LEU C 40 13.59 -10.84 -3.52
N ILE C 41 12.29 -10.80 -3.08
CA ILE C 41 11.16 -10.31 -3.88
C ILE C 41 11.34 -8.81 -4.20
N PRO C 42 11.18 -8.36 -5.47
CA PRO C 42 11.34 -6.93 -5.77
C PRO C 42 10.20 -6.06 -5.25
N THR C 43 10.49 -4.76 -5.14
CA THR C 43 9.63 -3.67 -4.67
C THR C 43 8.26 -3.67 -5.39
N SER C 44 8.27 -3.88 -6.74
CA SER C 44 7.05 -3.98 -7.55
C SER C 44 7.26 -4.94 -8.74
N SER C 45 6.65 -6.14 -8.62
CA SER C 45 6.71 -7.24 -9.59
C SER C 45 5.42 -7.31 -10.44
N LYS C 46 5.51 -8.00 -11.61
CA LYS C 46 4.44 -8.31 -12.56
C LYS C 46 4.34 -9.84 -12.55
N LEU C 47 3.11 -10.38 -12.50
CA LEU C 47 2.95 -11.84 -12.49
C LEU C 47 1.91 -12.28 -13.49
N VAL C 48 2.31 -13.14 -14.47
CA VAL C 48 1.36 -13.64 -15.46
C VAL C 48 0.88 -15.05 -15.12
N VAL C 49 -0.43 -15.20 -14.89
CA VAL C 49 -1.10 -16.46 -14.57
C VAL C 49 -2.03 -16.84 -15.73
N PHE C 50 -1.91 -18.09 -16.21
CA PHE C 50 -2.77 -18.59 -17.27
C PHE C 50 -3.79 -19.55 -16.69
N ASP C 51 -5.05 -19.51 -17.18
CA ASP C 51 -6.06 -20.51 -16.80
C ASP C 51 -5.65 -21.73 -17.64
N THR C 52 -5.75 -22.94 -17.08
CA THR C 52 -5.38 -24.17 -17.80
C THR C 52 -6.20 -24.39 -19.09
N SER C 53 -7.38 -23.74 -19.18
CA SER C 53 -8.27 -23.81 -20.35
C SER C 53 -7.78 -22.97 -21.55
N LEU C 54 -6.84 -22.05 -21.31
CA LEU C 54 -6.29 -21.19 -22.36
C LEU C 54 -5.56 -22.05 -23.38
N GLN C 55 -5.82 -21.78 -24.67
CA GLN C 55 -5.18 -22.46 -25.79
C GLN C 55 -3.67 -22.29 -25.66
N VAL C 56 -2.95 -23.41 -25.70
CA VAL C 56 -1.50 -23.48 -25.49
C VAL C 56 -0.68 -22.52 -26.40
N LYS C 57 -1.07 -22.28 -27.68
CA LYS C 57 -0.30 -21.35 -28.52
C LYS C 57 -0.37 -19.94 -27.95
N LYS C 58 -1.60 -19.49 -27.57
CA LYS C 58 -1.91 -18.17 -26.97
C LYS C 58 -1.08 -17.95 -25.70
N ALA C 59 -0.86 -19.04 -24.95
CA ALA C 59 -0.06 -19.07 -23.73
C ALA C 59 1.38 -18.68 -24.04
N PHE C 60 2.05 -19.38 -24.99
CA PHE C 60 3.43 -19.09 -25.39
C PHE C 60 3.61 -17.72 -25.99
N PHE C 61 2.58 -17.21 -26.67
CA PHE C 61 2.64 -15.87 -27.25
C PHE C 61 2.54 -14.83 -26.13
N ALA C 62 1.66 -15.08 -25.14
CA ALA C 62 1.49 -14.21 -23.99
C ALA C 62 2.79 -14.16 -23.16
N LEU C 63 3.55 -15.27 -23.09
CA LEU C 63 4.84 -15.27 -22.40
C LEU C 63 5.75 -14.27 -23.10
N VAL C 64 5.82 -14.37 -24.44
CA VAL C 64 6.65 -13.52 -25.30
C VAL C 64 6.26 -12.04 -25.20
N THR C 65 4.93 -11.74 -25.28
CA THR C 65 4.43 -10.36 -25.21
C THR C 65 4.65 -9.77 -23.87
N ASN C 66 4.43 -10.56 -22.80
CA ASN C 66 4.64 -10.03 -21.46
C ASN C 66 6.09 -9.96 -21.03
N GLY C 67 6.97 -10.64 -21.75
CA GLY C 67 8.40 -10.66 -21.45
C GLY C 67 8.66 -11.40 -20.15
N VAL C 68 8.03 -12.55 -20.01
CA VAL C 68 8.12 -13.40 -18.84
C VAL C 68 8.50 -14.82 -19.30
N ARG C 69 9.37 -15.52 -18.55
CA ARG C 69 9.83 -16.86 -18.94
C ARG C 69 9.06 -18.01 -18.25
N ALA C 70 8.17 -17.69 -17.28
CA ALA C 70 7.36 -18.68 -16.55
C ALA C 70 6.03 -18.14 -16.10
N ALA C 71 4.99 -18.99 -16.15
CA ALA C 71 3.62 -18.59 -15.79
C ALA C 71 2.87 -19.62 -14.95
N PRO C 72 2.44 -19.27 -13.70
CA PRO C 72 1.64 -20.21 -12.91
C PRO C 72 0.35 -20.56 -13.64
N LEU C 73 -0.13 -21.78 -13.45
CA LEU C 73 -1.34 -22.24 -14.12
C LEU C 73 -2.45 -22.50 -13.12
N TRP C 74 -3.62 -21.90 -13.37
CA TRP C 74 -4.78 -22.00 -12.49
C TRP C 74 -5.85 -22.94 -13.05
N ASP C 75 -6.12 -24.06 -12.35
CA ASP C 75 -7.18 -24.98 -12.77
C ASP C 75 -8.39 -24.45 -12.05
N SER C 76 -9.33 -23.85 -12.80
CA SER C 76 -10.53 -23.24 -12.20
C SER C 76 -11.42 -24.28 -11.55
N LYS C 77 -11.46 -25.49 -12.12
CA LYS C 77 -12.22 -26.63 -11.60
C LYS C 77 -11.60 -27.10 -10.27
N LYS C 78 -10.24 -27.17 -10.21
CA LYS C 78 -9.50 -27.59 -9.00
C LYS C 78 -9.30 -26.45 -7.98
N GLN C 79 -9.54 -25.18 -8.39
CA GLN C 79 -9.41 -23.94 -7.60
C GLN C 79 -8.03 -23.83 -6.88
N SER C 80 -6.95 -24.13 -7.62
CA SER C 80 -5.56 -24.11 -7.14
C SER C 80 -4.57 -24.04 -8.29
N PHE C 81 -3.33 -23.61 -7.97
CA PHE C 81 -2.24 -23.55 -8.93
C PHE C 81 -1.73 -24.97 -9.10
N VAL C 82 -1.89 -25.51 -10.32
CA VAL C 82 -1.53 -26.87 -10.66
C VAL C 82 -0.09 -27.03 -11.14
N GLY C 83 0.47 -25.94 -11.66
CA GLY C 83 1.83 -26.00 -12.17
C GLY C 83 2.34 -24.74 -12.85
N MET C 84 3.45 -24.92 -13.58
CA MET C 84 4.14 -23.85 -14.28
C MET C 84 4.25 -24.13 -15.75
N LEU C 85 4.16 -23.08 -16.56
CA LEU C 85 4.35 -23.22 -18.00
C LEU C 85 5.65 -22.48 -18.31
N THR C 86 6.62 -23.16 -18.94
CA THR C 86 7.91 -22.57 -19.29
C THR C 86 8.30 -22.87 -20.74
N ILE C 87 9.49 -22.41 -21.19
CA ILE C 87 9.96 -22.63 -22.57
C ILE C 87 10.14 -24.11 -22.87
N THR C 88 10.35 -24.93 -21.83
CA THR C 88 10.52 -26.38 -21.95
C THR C 88 9.25 -27.02 -22.52
N ASP C 89 8.07 -26.45 -22.16
CA ASP C 89 6.76 -26.89 -22.64
C ASP C 89 6.69 -26.66 -24.16
N PHE C 90 7.20 -25.50 -24.61
CA PHE C 90 7.27 -25.14 -26.02
C PHE C 90 8.21 -26.09 -26.74
N ILE C 91 9.42 -26.33 -26.17
CA ILE C 91 10.45 -27.25 -26.70
C ILE C 91 9.84 -28.64 -26.87
N ASN C 92 9.10 -29.12 -25.84
CA ASN C 92 8.45 -30.43 -25.82
C ASN C 92 7.34 -30.59 -26.87
N ILE C 93 6.36 -29.65 -26.95
CA ILE C 93 5.28 -29.70 -27.96
C ILE C 93 5.95 -29.68 -29.33
N LEU C 94 6.79 -28.66 -29.55
CA LEU C 94 7.53 -28.40 -30.78
C LEU C 94 8.30 -29.60 -31.32
N HIS C 95 8.79 -30.48 -30.45
CA HIS C 95 9.55 -31.65 -30.87
C HIS C 95 8.69 -32.90 -30.93
N ARG C 96 7.78 -33.08 -29.96
CA ARG C 96 6.86 -34.23 -29.90
C ARG C 96 5.95 -34.23 -31.14
N TYR C 97 5.53 -33.04 -31.56
CA TYR C 97 4.54 -32.91 -32.59
C TYR C 97 4.96 -32.33 -33.95
N TYR C 98 6.24 -31.91 -34.15
CA TYR C 98 6.66 -31.35 -35.46
C TYR C 98 6.62 -32.42 -36.54
N LYS C 99 5.77 -32.23 -37.58
CA LYS C 99 5.67 -33.18 -38.68
C LYS C 99 6.68 -32.79 -39.78
N SER C 100 6.65 -31.54 -40.27
CA SER C 100 7.58 -30.95 -41.26
C SER C 100 7.28 -29.46 -41.42
N ALA C 101 8.06 -28.77 -42.26
CA ALA C 101 7.85 -27.34 -42.50
C ALA C 101 6.70 -27.05 -43.50
N LEU C 102 6.16 -28.10 -44.15
CA LEU C 102 5.06 -27.99 -45.11
C LEU C 102 3.70 -28.28 -44.48
N VAL C 103 3.69 -28.67 -43.19
CA VAL C 103 2.45 -29.02 -42.51
C VAL C 103 2.45 -28.52 -41.06
N GLN C 104 1.36 -27.85 -40.69
CA GLN C 104 1.08 -27.21 -39.39
C GLN C 104 1.15 -28.14 -38.19
N ILE C 105 1.67 -27.62 -37.06
CA ILE C 105 1.73 -28.36 -35.81
C ILE C 105 0.34 -28.21 -35.17
N TYR C 106 -0.68 -29.00 -35.67
CA TYR C 106 -2.06 -28.92 -35.21
C TYR C 106 -2.17 -28.80 -33.70
N GLU C 107 -1.61 -29.78 -33.00
CA GLU C 107 -1.56 -29.86 -31.54
C GLU C 107 -1.11 -28.52 -30.96
N LEU C 108 0.01 -27.92 -31.43
CA LEU C 108 0.42 -26.59 -30.94
C LEU C 108 -0.67 -25.55 -31.22
N GLU C 109 -1.27 -25.57 -32.44
CA GLU C 109 -2.30 -24.62 -32.83
C GLU C 109 -3.55 -24.82 -31.97
N GLU C 110 -4.32 -25.89 -32.21
CA GLU C 110 -5.51 -26.18 -31.45
C GLU C 110 -5.28 -27.27 -30.37
N HIS C 111 -5.01 -26.83 -29.12
CA HIS C 111 -4.80 -27.62 -27.88
C HIS C 111 -4.77 -26.63 -26.74
N LYS C 112 -5.46 -26.94 -25.61
CA LYS C 112 -5.46 -26.12 -24.40
C LYS C 112 -4.21 -26.52 -23.57
N ILE C 113 -3.82 -25.71 -22.57
CA ILE C 113 -2.68 -26.00 -21.68
C ILE C 113 -2.97 -27.33 -20.93
N GLU C 114 -4.25 -27.55 -20.54
CA GLU C 114 -4.73 -28.74 -19.86
C GLU C 114 -4.63 -29.98 -20.77
N THR C 115 -5.05 -29.85 -22.06
CA THR C 115 -5.00 -30.97 -23.04
C THR C 115 -3.58 -31.45 -23.21
N TRP C 116 -2.61 -30.51 -23.33
CA TRP C 116 -1.20 -30.86 -23.50
C TRP C 116 -0.55 -31.36 -22.20
N ARG C 117 -0.88 -30.74 -21.05
CA ARG C 117 -0.33 -31.17 -19.76
C ARG C 117 -0.75 -32.62 -19.44
N GLU C 118 -1.99 -33.01 -19.82
CA GLU C 118 -2.53 -34.35 -19.62
C GLU C 118 -1.71 -35.41 -20.35
N VAL C 119 -1.18 -35.05 -21.54
CA VAL C 119 -0.34 -35.89 -22.41
C VAL C 119 1.07 -36.04 -21.82
N TYR C 120 1.79 -34.92 -21.76
CA TYR C 120 3.16 -34.72 -21.28
C TYR C 120 3.42 -35.27 -19.89
N LEU C 121 2.52 -35.00 -18.93
CA LEU C 121 2.64 -35.43 -17.54
C LEU C 121 1.76 -36.66 -17.17
N GLN C 122 1.36 -37.47 -18.19
CA GLN C 122 0.53 -38.67 -17.99
C GLN C 122 1.18 -39.67 -17.03
N ASP C 123 2.39 -40.16 -17.40
CA ASP C 123 3.18 -41.11 -16.62
C ASP C 123 3.85 -40.42 -15.43
N PRO C 127 4.08 -32.89 -9.46
CA PRO C 127 3.20 -31.94 -8.77
C PRO C 127 3.81 -30.54 -8.64
N LEU C 128 3.03 -29.58 -8.09
CA LEU C 128 3.46 -28.18 -7.91
C LEU C 128 4.42 -28.01 -6.72
N VAL C 129 5.58 -27.40 -7.00
CA VAL C 129 6.64 -27.07 -6.05
C VAL C 129 6.55 -25.56 -5.81
N CYS C 130 6.60 -25.12 -4.53
CA CYS C 130 6.55 -23.70 -4.16
C CYS C 130 7.17 -23.41 -2.80
N ILE C 131 7.71 -22.18 -2.65
CA ILE C 131 8.31 -21.68 -1.42
C ILE C 131 7.44 -20.59 -0.86
N SER C 132 7.41 -20.46 0.47
CA SER C 132 6.67 -19.40 1.14
C SER C 132 7.63 -18.19 1.30
N PRO C 133 7.18 -16.92 1.30
CA PRO C 133 8.15 -15.81 1.50
C PRO C 133 8.83 -15.87 2.88
N ASN C 134 8.21 -16.62 3.83
CA ASN C 134 8.67 -16.84 5.21
C ASN C 134 9.78 -17.88 5.27
N ALA C 135 9.90 -18.70 4.21
CA ALA C 135 10.94 -19.71 4.08
C ALA C 135 12.29 -19.03 3.82
N SER C 136 13.39 -19.70 4.21
CA SER C 136 14.75 -19.16 4.02
C SER C 136 15.30 -19.43 2.62
N LEU C 137 16.13 -18.49 2.09
CA LEU C 137 16.76 -18.60 0.77
C LEU C 137 17.47 -19.95 0.59
N PHE C 138 17.98 -20.60 1.68
CA PHE C 138 18.61 -21.93 1.61
C PHE C 138 17.55 -22.98 1.28
N ASP C 139 16.39 -22.95 2.01
CA ASP C 139 15.27 -23.88 1.73
C ASP C 139 14.91 -23.80 0.23
N ALA C 140 14.83 -22.57 -0.29
CA ALA C 140 14.53 -22.23 -1.68
C ALA C 140 15.57 -22.83 -2.64
N VAL C 141 16.88 -22.67 -2.35
CA VAL C 141 17.99 -23.21 -3.17
C VAL C 141 17.94 -24.74 -3.14
N SER C 142 17.69 -25.33 -1.96
CA SER C 142 17.54 -26.77 -1.78
C SER C 142 16.40 -27.27 -2.64
N SER C 143 15.19 -26.69 -2.47
CA SER C 143 13.97 -27.01 -3.23
C SER C 143 14.18 -26.97 -4.75
N LEU C 144 15.01 -26.02 -5.23
CA LEU C 144 15.34 -25.86 -6.64
C LEU C 144 16.10 -27.08 -7.20
N ILE C 145 17.18 -27.48 -6.52
CA ILE C 145 18.04 -28.61 -6.90
C ILE C 145 17.30 -29.95 -6.67
N ARG C 146 16.71 -30.10 -5.45
CA ARG C 146 15.94 -31.24 -4.93
C ARG C 146 14.92 -31.76 -5.95
N ASN C 147 14.28 -30.83 -6.70
CA ASN C 147 13.28 -31.13 -7.71
C ASN C 147 13.81 -30.94 -9.14
N LYS C 148 15.03 -30.34 -9.27
CA LYS C 148 15.72 -30.03 -10.53
C LYS C 148 14.86 -29.12 -11.45
N ILE C 149 14.61 -27.90 -10.93
CA ILE C 149 13.80 -26.83 -11.55
C ILE C 149 14.55 -25.49 -11.52
N HIS C 150 14.18 -24.55 -12.42
CA HIS C 150 14.82 -23.23 -12.47
C HIS C 150 13.89 -22.13 -11.97
N ARG C 151 12.56 -22.36 -12.09
CA ARG C 151 11.52 -21.42 -11.70
C ARG C 151 10.77 -21.91 -10.45
N LEU C 152 10.87 -21.15 -9.34
CA LEU C 152 10.19 -21.48 -8.10
C LEU C 152 9.18 -20.39 -7.72
N PRO C 153 7.87 -20.71 -7.68
CA PRO C 153 6.90 -19.69 -7.30
C PRO C 153 6.80 -19.48 -5.78
N VAL C 154 6.98 -18.22 -5.35
CA VAL C 154 6.88 -17.79 -3.96
C VAL C 154 5.40 -17.55 -3.71
N ILE C 155 4.77 -18.36 -2.87
CA ILE C 155 3.33 -18.26 -2.58
C ILE C 155 3.05 -18.01 -1.09
N ASP C 156 2.30 -16.92 -0.77
CA ASP C 156 1.91 -16.61 0.61
C ASP C 156 0.80 -17.57 1.01
N PRO C 157 1.01 -18.39 2.06
CA PRO C 157 -0.01 -19.37 2.44
C PRO C 157 -1.34 -18.79 2.89
N GLU C 158 -1.31 -17.65 3.63
CA GLU C 158 -2.50 -16.97 4.15
C GLU C 158 -3.46 -16.61 3.02
N SER C 159 -2.94 -15.96 1.96
CA SER C 159 -3.69 -15.51 0.78
C SER C 159 -3.87 -16.60 -0.26
N GLY C 160 -2.81 -17.38 -0.49
CA GLY C 160 -2.78 -18.41 -1.50
C GLY C 160 -2.29 -17.85 -2.81
N ASN C 161 -2.03 -16.53 -2.84
CA ASN C 161 -1.59 -15.77 -4.02
C ASN C 161 -0.14 -16.02 -4.34
N THR C 162 0.19 -16.17 -5.64
CA THR C 162 1.57 -16.32 -6.06
C THR C 162 2.12 -14.90 -6.13
N LEU C 163 3.23 -14.65 -5.41
CA LEU C 163 3.85 -13.33 -5.32
C LEU C 163 4.90 -13.11 -6.38
N TYR C 164 5.90 -14.00 -6.44
CA TYR C 164 7.03 -13.81 -7.33
C TYR C 164 7.58 -15.16 -7.73
N ILE C 165 8.36 -15.20 -8.81
CA ILE C 165 8.97 -16.45 -9.24
C ILE C 165 10.48 -16.33 -9.03
N LEU C 166 10.96 -17.00 -7.95
CA LEU C 166 12.37 -17.00 -7.53
C LEU C 166 13.20 -17.83 -8.51
N THR C 167 14.23 -17.19 -9.11
CA THR C 167 15.16 -17.81 -10.05
C THR C 167 16.55 -18.00 -9.44
N HIS C 168 17.39 -18.84 -10.06
CA HIS C 168 18.77 -19.06 -9.62
C HIS C 168 19.50 -17.74 -9.75
N LYS C 169 19.48 -17.14 -10.99
CA LYS C 169 20.09 -15.87 -11.36
C LYS C 169 19.92 -14.80 -10.27
N ARG C 170 18.68 -14.64 -9.75
CA ARG C 170 18.33 -13.67 -8.70
C ARG C 170 18.98 -14.03 -7.37
N ILE C 171 18.91 -15.32 -6.93
CA ILE C 171 19.53 -15.76 -5.67
C ILE C 171 21.03 -15.51 -5.75
N LEU C 172 21.66 -15.96 -6.87
CA LEU C 172 23.09 -15.80 -7.16
C LEU C 172 23.49 -14.32 -7.16
N LYS C 173 22.60 -13.42 -7.65
CA LYS C 173 22.84 -11.98 -7.68
C LYS C 173 22.92 -11.43 -6.27
N PHE C 174 21.96 -11.83 -5.41
CA PHE C 174 21.89 -11.39 -4.01
C PHE C 174 23.09 -11.92 -3.20
N LEU C 175 23.47 -13.20 -3.39
CA LEU C 175 24.62 -13.83 -2.73
C LEU C 175 25.93 -13.17 -3.15
N LYS C 176 26.00 -12.62 -4.39
CA LYS C 176 27.17 -11.92 -4.93
C LYS C 176 27.35 -10.54 -4.29
N LEU C 177 26.22 -9.88 -3.91
CA LEU C 177 26.23 -8.57 -3.25
C LEU C 177 26.91 -8.67 -1.88
N PHE C 178 26.71 -9.81 -1.18
CA PHE C 178 27.29 -10.07 0.14
C PHE C 178 28.68 -10.69 0.08
N ILE C 179 28.95 -11.55 -0.95
CA ILE C 179 30.24 -12.22 -1.17
C ILE C 179 31.37 -11.20 -1.31
N THR C 180 31.04 -10.08 -1.97
CA THR C 180 31.90 -8.93 -2.25
C THR C 180 32.21 -8.16 -0.94
N GLU C 181 31.17 -7.74 -0.17
CA GLU C 181 31.30 -6.99 1.10
C GLU C 181 31.93 -7.83 2.21
N PHE C 182 31.56 -9.12 2.31
CA PHE C 182 32.08 -10.07 3.30
C PHE C 182 33.44 -10.68 2.84
N PRO C 183 34.29 -11.26 3.74
CA PRO C 183 35.62 -11.78 3.31
C PRO C 183 35.61 -12.89 2.24
N LYS C 184 36.81 -13.19 1.68
CA LYS C 184 37.02 -14.22 0.65
C LYS C 184 37.58 -15.52 1.25
N PRO C 185 36.81 -16.63 1.24
CA PRO C 185 37.32 -17.89 1.82
C PRO C 185 38.32 -18.64 0.94
N GLU C 186 38.72 -19.86 1.34
CA GLU C 186 39.68 -20.73 0.63
C GLU C 186 39.17 -21.19 -0.74
N PHE C 187 37.89 -21.61 -0.80
CA PHE C 187 37.20 -22.09 -2.02
C PHE C 187 37.23 -21.04 -3.14
N MET C 188 36.86 -19.77 -2.80
CA MET C 188 36.83 -18.60 -3.71
C MET C 188 38.19 -18.35 -4.40
N SER C 189 39.30 -18.52 -3.64
CA SER C 189 40.67 -18.36 -4.11
C SER C 189 41.06 -19.51 -5.06
N LYS C 190 40.59 -20.74 -4.74
CA LYS C 190 40.85 -21.96 -5.52
C LYS C 190 40.22 -21.91 -6.91
N SER C 191 40.84 -22.63 -7.86
CA SER C 191 40.43 -22.72 -9.26
C SER C 191 39.13 -23.53 -9.45
N LEU C 192 38.59 -23.58 -10.69
CA LEU C 192 37.40 -24.35 -11.03
C LEU C 192 37.75 -25.83 -11.19
N GLU C 193 39.00 -26.12 -11.65
CA GLU C 193 39.53 -27.47 -11.84
C GLU C 193 39.80 -28.12 -10.49
N GLU C 194 40.47 -27.38 -9.58
CA GLU C 194 40.82 -27.82 -8.23
C GLU C 194 39.57 -28.07 -7.37
N LEU C 195 38.65 -27.07 -7.29
CA LEU C 195 37.40 -27.15 -6.53
C LEU C 195 36.43 -28.20 -7.10
N GLN C 196 36.59 -28.53 -8.42
CA GLN C 196 35.81 -29.50 -9.19
C GLN C 196 34.30 -29.27 -9.05
N ILE C 197 33.78 -28.24 -9.77
CA ILE C 197 32.37 -27.83 -9.75
C ILE C 197 31.77 -27.76 -11.16
N GLY C 198 30.70 -28.50 -11.38
CA GLY C 198 30.00 -28.53 -12.66
C GLY C 198 30.17 -29.83 -13.41
N THR C 199 29.58 -29.90 -14.62
CA THR C 199 29.60 -31.05 -15.51
C THR C 199 30.68 -30.87 -16.60
N TYR C 200 31.59 -31.85 -16.72
CA TYR C 200 32.72 -31.82 -17.65
C TYR C 200 32.76 -33.05 -18.55
N ALA C 201 31.78 -33.96 -18.37
CA ALA C 201 31.61 -35.20 -19.12
C ALA C 201 30.20 -35.33 -19.66
N ASN C 202 30.04 -36.04 -20.81
CA ASN C 202 28.76 -36.25 -21.52
C ASN C 202 28.07 -34.92 -21.85
N ILE C 203 28.90 -33.95 -22.29
CA ILE C 203 28.50 -32.60 -22.68
C ILE C 203 27.74 -32.65 -24.01
N ALA C 204 26.41 -32.40 -23.93
CA ALA C 204 25.52 -32.40 -25.09
C ALA C 204 25.72 -31.10 -25.90
N MET C 205 26.14 -31.24 -27.17
CA MET C 205 26.41 -30.11 -28.07
C MET C 205 25.74 -30.29 -29.44
N VAL C 206 25.42 -29.16 -30.09
CA VAL C 206 24.90 -29.06 -31.45
C VAL C 206 26.07 -28.60 -32.34
N ARG C 207 25.91 -28.70 -33.66
CA ARG C 207 26.92 -28.21 -34.59
C ARG C 207 26.28 -27.10 -35.43
N THR C 208 27.10 -26.45 -36.27
CA THR C 208 26.69 -25.40 -37.20
C THR C 208 25.54 -25.96 -38.10
N THR C 209 25.80 -27.07 -38.82
CA THR C 209 24.89 -27.78 -39.72
C THR C 209 23.58 -28.29 -39.08
N THR C 210 23.63 -28.72 -37.77
CA THR C 210 22.53 -29.29 -36.97
C THR C 210 21.24 -28.47 -37.05
N PRO C 211 20.08 -29.08 -37.38
CA PRO C 211 18.84 -28.31 -37.42
C PRO C 211 18.27 -28.07 -36.03
N VAL C 212 17.32 -27.12 -35.93
CA VAL C 212 16.65 -26.77 -34.66
C VAL C 212 15.90 -28.00 -34.11
N TYR C 213 15.20 -28.76 -34.98
CA TYR C 213 14.46 -29.94 -34.55
C TYR C 213 15.35 -30.93 -33.81
N VAL C 214 16.58 -31.13 -34.31
CA VAL C 214 17.58 -32.02 -33.70
C VAL C 214 18.06 -31.43 -32.37
N ALA C 215 18.33 -30.12 -32.33
CA ALA C 215 18.75 -29.42 -31.12
C ALA C 215 17.67 -29.59 -30.06
N LEU C 216 16.39 -29.48 -30.46
CA LEU C 216 15.25 -29.66 -29.58
C LEU C 216 15.19 -31.10 -29.12
N GLY C 217 15.62 -32.01 -29.97
CA GLY C 217 15.70 -33.42 -29.64
C GLY C 217 16.62 -33.63 -28.45
N ILE C 218 17.82 -33.01 -28.52
CA ILE C 218 18.83 -33.07 -27.46
C ILE C 218 18.26 -32.53 -26.14
N PHE C 219 17.68 -31.31 -26.17
CA PHE C 219 17.07 -30.68 -25.00
C PHE C 219 16.08 -31.60 -24.28
N VAL C 220 15.37 -32.46 -25.04
CA VAL C 220 14.41 -33.39 -24.47
C VAL C 220 15.12 -34.58 -23.80
N GLN C 221 15.87 -35.38 -24.58
CA GLN C 221 16.58 -36.57 -24.10
C GLN C 221 17.66 -36.30 -23.02
N HIS C 222 18.25 -35.08 -22.99
CA HIS C 222 19.32 -34.75 -22.04
C HIS C 222 18.92 -33.90 -20.84
N ARG C 223 17.92 -33.02 -21.01
CA ARG C 223 17.40 -32.11 -19.97
C ARG C 223 18.47 -31.13 -19.46
N VAL C 224 19.06 -30.36 -20.39
CA VAL C 224 20.08 -29.35 -20.12
C VAL C 224 19.71 -28.02 -20.79
N SER C 225 20.00 -26.89 -20.11
CA SER C 225 19.67 -25.50 -20.50
C SER C 225 20.12 -25.05 -21.90
N ALA C 226 21.44 -25.14 -22.20
CA ALA C 226 21.98 -24.70 -23.49
C ALA C 226 22.85 -25.74 -24.17
N LEU C 227 22.98 -25.63 -25.49
CA LEU C 227 23.77 -26.50 -26.32
C LEU C 227 24.88 -25.70 -27.03
N PRO C 228 26.15 -25.97 -26.70
CA PRO C 228 27.24 -25.23 -27.37
C PRO C 228 27.32 -25.62 -28.84
N VAL C 229 27.39 -24.60 -29.71
CA VAL C 229 27.49 -24.72 -31.17
C VAL C 229 28.98 -24.90 -31.52
N VAL C 230 29.34 -26.02 -32.21
CA VAL C 230 30.73 -26.30 -32.60
C VAL C 230 30.95 -26.32 -34.13
N ASP C 231 32.14 -25.83 -34.57
CA ASP C 231 32.57 -25.73 -35.97
C ASP C 231 32.95 -27.10 -36.57
N GLU C 232 33.74 -27.11 -37.68
CA GLU C 232 34.27 -28.31 -38.34
C GLU C 232 35.11 -29.09 -37.33
N LYS C 233 35.93 -28.36 -36.55
CA LYS C 233 36.73 -28.87 -35.43
C LYS C 233 35.92 -28.59 -34.15
N GLY C 234 36.22 -29.33 -33.07
CA GLY C 234 35.53 -29.26 -31.78
C GLY C 234 35.59 -27.97 -30.98
N ARG C 235 35.85 -26.83 -31.65
CA ARG C 235 35.92 -25.50 -31.04
C ARG C 235 34.51 -24.88 -30.97
N VAL C 236 34.19 -24.19 -29.85
CA VAL C 236 32.88 -23.55 -29.67
C VAL C 236 32.79 -22.24 -30.45
N VAL C 237 31.83 -22.15 -31.37
CA VAL C 237 31.59 -20.93 -32.15
C VAL C 237 30.47 -20.05 -31.52
N ASP C 238 29.38 -20.69 -31.01
CA ASP C 238 28.21 -20.03 -30.37
C ASP C 238 27.61 -20.96 -29.27
N ILE C 239 26.47 -20.56 -28.66
CA ILE C 239 25.77 -21.35 -27.63
C ILE C 239 24.26 -21.17 -27.79
N TYR C 240 23.56 -22.24 -28.29
CA TYR C 240 22.10 -22.26 -28.50
C TYR C 240 21.36 -22.61 -27.19
N SER C 241 20.66 -21.64 -26.61
CA SER C 241 19.97 -21.82 -25.34
C SER C 241 18.49 -22.02 -25.48
N LYS C 242 17.87 -22.61 -24.43
CA LYS C 242 16.43 -22.83 -24.31
C LYS C 242 15.69 -21.51 -24.50
N PHE C 243 16.39 -20.39 -24.31
CA PHE C 243 15.89 -19.03 -24.47
C PHE C 243 15.77 -18.65 -25.93
N ASP C 244 16.79 -18.99 -26.74
CA ASP C 244 16.81 -18.70 -28.17
C ASP C 244 15.63 -19.41 -28.86
N VAL C 245 15.06 -20.43 -28.19
CA VAL C 245 13.90 -21.18 -28.66
C VAL C 245 12.65 -20.32 -28.50
N ILE C 246 12.65 -19.37 -27.52
CA ILE C 246 11.51 -18.45 -27.30
C ILE C 246 11.33 -17.54 -28.52
N ASN C 247 12.42 -17.29 -29.25
CA ASN C 247 12.42 -16.45 -30.43
C ASN C 247 11.55 -16.97 -31.57
N LEU C 248 11.44 -18.31 -31.72
CA LEU C 248 10.61 -18.96 -32.77
C LEU C 248 9.14 -18.54 -32.59
N ALA C 249 8.70 -18.44 -31.31
CA ALA C 249 7.37 -18.01 -30.96
C ALA C 249 7.25 -16.50 -31.19
N ALA C 250 8.33 -15.75 -30.90
CA ALA C 250 8.38 -14.30 -31.06
C ALA C 250 8.26 -13.88 -32.52
N GLU C 251 9.04 -14.51 -33.41
CA GLU C 251 9.04 -14.21 -34.84
C GLU C 251 7.98 -15.00 -35.61
N LYS C 252 7.20 -15.85 -34.88
CA LYS C 252 6.15 -16.73 -35.41
C LYS C 252 6.75 -17.57 -36.59
N THR C 253 7.87 -18.25 -36.30
CA THR C 253 8.68 -19.05 -37.24
C THR C 253 8.83 -20.55 -36.87
N TYR C 254 8.31 -20.94 -35.67
CA TYR C 254 8.30 -22.30 -35.10
C TYR C 254 7.86 -23.43 -36.07
N ASN C 255 7.17 -23.04 -37.19
CA ASN C 255 6.68 -23.98 -38.20
C ASN C 255 7.82 -24.50 -39.07
N ASN C 256 9.00 -23.83 -39.07
CA ASN C 256 10.17 -24.31 -39.82
C ASN C 256 11.37 -24.61 -38.91
N LEU C 257 11.43 -25.87 -38.41
CA LEU C 257 12.46 -26.37 -37.50
C LEU C 257 13.61 -27.03 -38.21
N ASP C 258 13.50 -27.17 -39.55
CA ASP C 258 14.52 -27.76 -40.43
C ASP C 258 15.78 -26.87 -40.53
N VAL C 259 15.63 -25.58 -40.19
CA VAL C 259 16.70 -24.57 -40.22
C VAL C 259 17.82 -24.94 -39.28
N SER C 260 19.05 -24.60 -39.66
CA SER C 260 20.21 -24.89 -38.83
C SER C 260 20.20 -24.02 -37.56
N VAL C 261 20.91 -24.49 -36.52
CA VAL C 261 21.10 -23.85 -35.22
C VAL C 261 21.65 -22.42 -35.44
N THR C 262 22.71 -22.28 -36.29
CA THR C 262 23.37 -21.02 -36.65
C THR C 262 22.45 -20.02 -37.37
N LYS C 263 21.62 -20.51 -38.34
CA LYS C 263 20.63 -19.69 -39.07
C LYS C 263 19.64 -19.08 -38.08
N ALA C 264 19.21 -19.90 -37.10
CA ALA C 264 18.27 -19.56 -36.04
C ALA C 264 18.83 -18.51 -35.09
N LEU C 265 20.16 -18.46 -34.93
CA LEU C 265 20.82 -17.53 -34.03
C LEU C 265 21.16 -16.18 -34.68
N GLN C 266 20.98 -16.05 -36.02
CA GLN C 266 21.28 -14.84 -36.78
C GLN C 266 20.42 -13.60 -36.37
N HIS C 267 19.33 -13.82 -35.59
CA HIS C 267 18.42 -12.77 -35.09
C HIS C 267 19.07 -11.86 -34.00
N ARG C 268 20.25 -12.29 -33.45
CA ARG C 268 21.04 -11.59 -32.43
C ARG C 268 22.56 -11.90 -32.51
N GLY C 274 28.55 -11.72 -29.02
CA GLY C 274 29.79 -12.23 -28.47
C GLY C 274 29.61 -13.34 -27.44
N VAL C 275 30.35 -14.46 -27.63
CA VAL C 275 30.35 -15.66 -26.77
C VAL C 275 31.19 -15.48 -25.49
N LEU C 276 30.71 -16.04 -24.36
CA LEU C 276 31.34 -15.98 -23.04
C LEU C 276 31.76 -17.38 -22.56
N LYS C 277 33.07 -17.59 -22.39
CA LYS C 277 33.66 -18.85 -21.94
C LYS C 277 34.71 -18.62 -20.85
N CYS C 278 34.84 -19.59 -19.94
CA CYS C 278 35.82 -19.57 -18.85
C CYS C 278 36.91 -20.62 -19.10
N TYR C 279 38.06 -20.48 -18.41
CA TYR C 279 39.18 -21.42 -18.50
C TYR C 279 39.27 -22.23 -17.20
N LEU C 280 39.77 -23.47 -17.28
CA LEU C 280 39.90 -24.36 -16.13
C LEU C 280 40.82 -23.81 -15.01
N HIS C 281 41.69 -22.81 -15.32
CA HIS C 281 42.61 -22.18 -14.36
C HIS C 281 42.17 -20.78 -13.90
N GLU C 282 40.87 -20.46 -14.07
CA GLU C 282 40.27 -19.20 -13.64
C GLU C 282 39.62 -19.42 -12.27
N THR C 283 39.83 -18.48 -11.30
CA THR C 283 39.31 -18.55 -9.92
C THR C 283 37.77 -18.68 -9.84
N LEU C 284 37.26 -19.45 -8.83
CA LEU C 284 35.82 -19.66 -8.61
C LEU C 284 35.09 -18.36 -8.31
N GLU C 285 35.71 -17.46 -7.50
CA GLU C 285 35.17 -16.13 -7.18
C GLU C 285 35.17 -15.23 -8.42
N ALA C 286 36.24 -15.32 -9.25
CA ALA C 286 36.39 -14.56 -10.49
C ALA C 286 35.29 -14.96 -11.49
N ILE C 287 35.09 -16.29 -11.73
CA ILE C 287 34.04 -16.83 -12.62
C ILE C 287 32.63 -16.49 -12.07
N ILE C 288 32.47 -16.45 -10.72
CA ILE C 288 31.24 -16.07 -10.01
C ILE C 288 30.90 -14.61 -10.33
N ASN C 289 31.93 -13.75 -10.42
CA ASN C 289 31.74 -12.35 -10.81
C ASN C 289 31.43 -12.27 -12.30
N ARG C 290 32.07 -13.11 -13.13
CA ARG C 290 31.85 -13.15 -14.58
C ARG C 290 30.40 -13.51 -14.91
N LEU C 291 29.87 -14.61 -14.32
CA LEU C 291 28.49 -15.06 -14.55
C LEU C 291 27.48 -14.01 -14.13
N VAL C 292 27.77 -13.27 -13.03
CA VAL C 292 26.89 -12.23 -12.51
C VAL C 292 27.02 -10.89 -13.25
N GLU C 293 28.25 -10.54 -13.71
CA GLU C 293 28.58 -9.29 -14.43
C GLU C 293 27.92 -9.22 -15.80
N ALA C 294 27.98 -10.30 -16.57
CA ALA C 294 27.32 -10.31 -17.87
C ALA C 294 25.87 -10.83 -17.71
N GLU C 295 25.50 -11.30 -16.49
CA GLU C 295 24.18 -11.84 -16.10
C GLU C 295 23.75 -13.04 -17.01
N VAL C 296 24.66 -14.04 -17.16
CA VAL C 296 24.51 -15.25 -18.00
C VAL C 296 24.07 -16.46 -17.13
N HIS C 297 23.40 -17.48 -17.73
CA HIS C 297 22.94 -18.67 -17.01
C HIS C 297 23.99 -19.76 -16.82
N ARG C 298 24.96 -19.88 -17.74
CA ARG C 298 26.03 -20.87 -17.65
C ARG C 298 27.28 -20.47 -18.44
N LEU C 299 28.47 -20.79 -17.89
CA LEU C 299 29.77 -20.53 -18.50
C LEU C 299 30.30 -21.83 -19.08
N VAL C 300 30.99 -21.77 -20.24
CA VAL C 300 31.56 -22.94 -20.89
C VAL C 300 33.06 -23.02 -20.59
N VAL C 301 33.55 -24.20 -20.13
CA VAL C 301 34.96 -24.41 -19.79
C VAL C 301 35.78 -24.73 -21.05
N VAL C 302 36.40 -23.70 -21.65
CA VAL C 302 37.20 -23.81 -22.87
C VAL C 302 38.70 -23.89 -22.58
N ASP C 303 39.42 -24.76 -23.33
CA ASP C 303 40.87 -24.96 -23.21
C ASP C 303 41.63 -23.93 -24.06
N GLU C 304 42.99 -23.88 -23.92
CA GLU C 304 43.90 -22.96 -24.61
C GLU C 304 43.69 -22.82 -26.14
N HIS C 305 43.15 -23.87 -26.82
CA HIS C 305 42.87 -23.85 -28.27
C HIS C 305 41.36 -23.61 -28.57
N ASP C 306 40.65 -22.94 -27.61
CA ASP C 306 39.23 -22.55 -27.61
C ASP C 306 38.25 -23.68 -28.01
N VAL C 307 38.52 -24.92 -27.56
CA VAL C 307 37.67 -26.10 -27.77
C VAL C 307 36.93 -26.43 -26.43
N VAL C 308 35.66 -26.90 -26.51
CA VAL C 308 34.83 -27.20 -25.34
C VAL C 308 35.37 -28.40 -24.53
N LYS C 309 35.71 -28.15 -23.25
CA LYS C 309 36.23 -29.16 -22.31
C LYS C 309 35.27 -29.46 -21.14
N GLY C 310 34.34 -28.54 -20.87
CA GLY C 310 33.34 -28.67 -19.83
C GLY C 310 32.30 -27.57 -19.79
N ILE C 311 31.48 -27.55 -18.72
CA ILE C 311 30.42 -26.55 -18.51
C ILE C 311 30.15 -26.31 -17.01
N VAL C 312 29.72 -25.09 -16.67
CA VAL C 312 29.43 -24.72 -15.29
C VAL C 312 28.21 -23.80 -15.26
N SER C 313 27.14 -24.25 -14.60
CA SER C 313 25.91 -23.49 -14.52
C SER C 313 25.68 -22.86 -13.17
N LEU C 314 24.82 -21.83 -13.16
CA LEU C 314 24.35 -21.06 -12.00
C LEU C 314 23.79 -22.00 -10.96
N SER C 315 23.07 -23.05 -11.43
CA SER C 315 22.46 -24.11 -10.63
C SER C 315 23.52 -24.86 -9.82
N ASP C 316 24.66 -25.23 -10.48
CA ASP C 316 25.79 -25.94 -9.85
C ASP C 316 26.49 -25.08 -8.80
N ILE C 317 26.69 -23.78 -9.10
CA ILE C 317 27.32 -22.78 -8.24
C ILE C 317 26.54 -22.67 -6.93
N LEU C 318 25.19 -22.51 -6.99
CA LEU C 318 24.33 -22.44 -5.81
C LEU C 318 24.32 -23.79 -5.02
N GLN C 319 24.45 -24.94 -5.73
CA GLN C 319 24.53 -26.28 -5.12
C GLN C 319 25.82 -26.38 -4.31
N ALA C 320 26.98 -26.08 -4.94
CA ALA C 320 28.31 -26.07 -4.33
C ALA C 320 28.35 -25.20 -3.09
N LEU C 321 27.52 -24.15 -3.06
CA LEU C 321 27.40 -23.20 -1.97
C LEU C 321 26.25 -23.53 -0.97
N VAL C 322 25.63 -24.73 -1.13
CA VAL C 322 24.55 -25.25 -0.28
C VAL C 322 24.62 -26.79 -0.20
O4 STU D . -6.68 26.11 20.63
C25 STU D . -5.68 27.12 20.59
C24 STU D . -5.46 27.63 19.18
C23 STU D . -6.51 27.06 18.22
C22 STU D . -6.47 25.54 18.24
C21 STU D . -6.83 25.07 19.67
C26 STU D . -8.31 24.82 19.83
N2 STU D . -6.00 23.93 20.10
C18 STU D . -4.80 24.05 20.79
C19 STU D . -4.13 25.21 21.28
C6 STU D . -2.87 25.10 21.90
C7 STU D . -2.29 23.81 22.00
C10 STU D . -2.93 22.67 21.53
C11 STU D . -4.19 22.79 20.93
C12 STU D . -5.11 21.83 20.33
C17 STU D . -6.19 22.55 19.82
C16 STU D . -7.28 21.92 19.23
C15 STU D . -7.31 20.53 19.19
C14 STU D . -6.24 19.80 19.70
C13 STU D . -5.14 20.44 20.23
C9 STU D . -2.07 21.48 21.67
N1 STU D . -0.89 22.02 22.33
C8 STU D . -0.98 23.39 22.55
O5 STU D . -0.11 24.06 23.10
C5 STU D . -2.44 26.44 22.23
C20 STU D . -3.46 27.31 21.82
C1 STU D . -3.34 28.68 21.95
C2 STU D . -2.16 29.21 22.48
C3 STU D . -1.14 28.36 22.86
C4 STU D . -1.27 26.98 22.76
N3 STU D . -4.49 26.55 21.22
O6 STU D . -5.14 25.13 17.92
C27 STU D . -5.04 24.22 16.84
N4 STU D . -6.38 27.56 16.85
C28 STU D . -7.65 27.57 16.11
C4 85V E . -13.66 24.14 34.45
C7 85V E . -14.39 20.95 32.54
C6 85V E . -13.67 22.00 33.31
C9 85V E . -15.96 20.40 30.79
C20 85V E . -17.85 19.63 25.24
C21 85V E . -17.50 20.45 26.48
C8 85V E . -15.27 21.36 31.52
C18 85V E . -19.54 19.25 26.67
C26 85V E . -11.59 25.11 35.54
C1 85V E . -12.30 21.90 33.58
C2 85V E . -11.63 22.89 34.27
C3 85V E . -12.30 24.03 34.72
C5 85V E . -14.33 23.15 33.75
C10 85V E . -15.83 19.04 31.06
C11 85V E . -14.97 18.62 32.07
C12 85V E . -14.26 19.56 32.78
CL 85V E . -13.18 18.98 34.01
N13 85V E . -16.60 18.30 30.18
C14 85V E . -17.15 19.21 29.42
N15 85V E . -16.83 20.49 29.71
O16 85V E . -17.95 18.94 28.39
C17 85V E . -18.52 19.98 27.53
O19 85V E . -18.75 18.62 25.68
O22 85V E . -16.15 20.14 26.81
C23 85V E . -15.74 19.00 26.04
C24 85V E . -16.51 19.08 24.74
O25 85V E . -16.61 17.82 24.07
C27 85V E . -10.90 24.71 36.82
C28 85V E . -12.18 25.47 36.89
C29 85V E . -10.95 26.24 34.75
O30 85V E . -9.67 25.88 34.28
CL CL F . 7.53 26.72 24.93
CL CL G . -10.78 28.18 18.82
CL CL H . -2.70 35.58 7.69
S SO4 I . 1.81 30.76 34.59
O1 SO4 I . 1.34 30.63 35.97
O2 SO4 I . 0.95 29.99 33.71
O3 SO4 I . 1.76 32.17 34.19
O4 SO4 I . 3.19 30.29 34.48
P AMP J . 21.21 -25.96 -16.17
O1P AMP J . 20.77 -25.16 -14.94
O2P AMP J . 22.14 -25.17 -17.12
O3P AMP J . 20.03 -26.52 -16.97
O5' AMP J . 22.05 -27.21 -15.75
C5' AMP J . 21.70 -28.39 -15.01
C4' AMP J . 22.87 -29.36 -15.07
O4' AMP J . 23.20 -29.66 -16.45
C3' AMP J . 24.16 -28.89 -14.41
O3' AMP J . 24.77 -29.92 -13.64
C2' AMP J . 25.03 -28.45 -15.60
O2' AMP J . 26.43 -28.52 -15.34
C1' AMP J . 24.58 -29.45 -16.67
N9 AMP J . 24.76 -29.00 -18.05
C8 AMP J . 24.49 -27.76 -18.55
N7 AMP J . 24.72 -27.65 -19.84
C5 AMP J . 25.16 -28.91 -20.21
C6 AMP J . 25.52 -29.47 -21.45
N6 AMP J . 25.53 -28.79 -22.59
N1 AMP J . 25.87 -30.78 -21.48
C2 AMP J . 25.85 -31.48 -20.33
N3 AMP J . 25.54 -31.05 -19.10
C4 AMP J . 25.19 -29.75 -19.11
P AMP K . 19.28 -17.83 -20.73
O1P AMP K . 18.25 -17.04 -19.91
O2P AMP K . 18.89 -19.27 -20.95
O3P AMP K . 20.63 -17.67 -20.07
O5' AMP K . 19.46 -16.99 -22.08
C5' AMP K . 20.12 -17.36 -23.29
C4' AMP K . 20.67 -16.16 -24.01
O4' AMP K . 21.99 -15.83 -23.50
C3' AMP K . 20.85 -16.34 -25.52
O3' AMP K . 20.65 -15.11 -26.23
C2' AMP K . 22.29 -16.86 -25.61
O2' AMP K . 22.94 -16.60 -26.86
C1' AMP K . 22.98 -16.12 -24.47
N9 AMP K . 24.05 -16.88 -23.84
C8 AMP K . 23.92 -18.00 -23.05
N7 AMP K . 25.06 -18.53 -22.69
C5 AMP K . 26.01 -17.71 -23.28
C6 AMP K . 27.41 -17.74 -23.29
N6 AMP K . 28.14 -18.68 -22.67
N1 AMP K . 28.06 -16.77 -23.96
C2 AMP K . 27.34 -15.83 -24.59
N3 AMP K . 26.02 -15.70 -24.66
C4 AMP K . 25.40 -16.69 -23.98
PB ADP L . 13.17 -23.32 -17.71
O1B ADP L . 12.87 -22.43 -16.51
O2B ADP L . 12.72 -22.69 -19.01
O3B ADP L . 14.68 -23.62 -17.68
PA ADP L . 12.21 -25.69 -16.21
O1A ADP L . 11.85 -24.85 -14.97
O2A ADP L . 13.45 -26.45 -15.94
O3A ADP L . 12.42 -24.71 -17.45
O5' ADP L . 10.97 -26.65 -16.51
C5' ADP L . 10.88 -28.01 -16.99
C4' ADP L . 9.51 -28.58 -16.72
O4' ADP L . 9.22 -28.52 -15.31
C3' ADP L . 8.33 -27.92 -17.46
O3' ADP L . 7.55 -28.87 -18.20
C2' ADP L . 7.52 -27.22 -16.35
O2' ADP L . 6.12 -27.35 -16.60
C1' ADP L . 7.93 -27.99 -15.09
N9 ADP L . 7.96 -27.19 -13.86
C8 ADP L . 8.87 -26.22 -13.55
N7 ADP L . 8.74 -25.73 -12.33
C5 ADP L . 7.66 -26.44 -11.82
C6 ADP L . 7.02 -26.42 -10.56
N6 ADP L . 7.41 -25.63 -9.55
N1 ADP L . 5.98 -27.25 -10.36
C2 ADP L . 5.60 -28.05 -11.37
N3 ADP L . 6.12 -28.17 -12.59
C4 ADP L . 7.16 -27.32 -12.75
S SO4 M . 16.04 -15.39 -15.47
O1 SO4 M . 15.17 -14.59 -14.60
O2 SO4 M . 16.27 -16.69 -14.82
O3 SO4 M . 17.32 -14.71 -15.64
O4 SO4 M . 15.44 -15.58 -16.79
#